data_7S4C
#
_entry.id   7S4C
#
_cell.length_a   129.216
_cell.length_b   129.216
_cell.length_c   240.789
_cell.angle_alpha   90.000
_cell.angle_beta   90.000
_cell.angle_gamma   120.000
#
_symmetry.space_group_name_H-M   'P 61 2 2'
#
loop_
_entity.id
_entity.type
_entity.pdbx_description
1 polymer Galactokinase
2 non-polymer alpha-D-galactopyranose
3 non-polymer '2-({(4R)-4-(2-chlorophenyl)-2-[(6-fluoro-1,3-benzoxazol-2-yl)amino]-6-methyl-1,4-dihydropyrimidine-5-carbonyl}amino)pyridine-4-carboxylic acid'
4 non-polymer 'SODIUM ION'
5 non-polymer 'PHOSPHATE ION'
6 water water
#
_entity_poly.entity_id   1
_entity_poly.type   'polypeptide(L)'
_entity_poly.pdbx_seq_one_letter_code
;MAALRQPQVAELLAEARRAFREEFGAEPELAVSAPGRVNLIGEHTDYNQGLVLPMALELMTVLVGSPRKDGLVSLLTTSE
GADEPQRLQFPLPTAQRSLEPGTPRWANYVKGVIQYYPAAPLPGFSAVVVSSVPLGGGLSSSASLEVATYTFLQQLCPDS
GTIAARAQVCQQAEHSFAGMPCGIMDQFISLMGQKGHALLIDCRSLETSLVPLSDPKLAVLITNSNVRHSLASSEYPVRR
RQCEEVARALGAASLREVQLEELEAARDLVSKEGFRRARHVVGEIRRTAQAAAALRRGDYRAFGRLMVESHRSLRDDYEV
SCPELDQLVEAALAVPGVYGSRMTGGGFGGCTVTLLEASAAPHAMRHIQEHYGGTATFYLSQAADGAKVLCL
;
_entity_poly.pdbx_strand_id   A,B
#
# COMPACT_ATOMS: atom_id res chain seq x y z
N ALA A 2 -1.90 -13.48 30.25
CA ALA A 2 -1.76 -14.21 29.00
C ALA A 2 -2.66 -13.53 27.97
N ALA A 3 -2.04 -13.13 26.85
CA ALA A 3 -2.75 -12.66 25.66
C ALA A 3 -3.49 -13.82 25.01
N LEU A 4 -4.69 -13.53 24.48
CA LEU A 4 -5.43 -14.47 23.65
C LEU A 4 -4.66 -14.76 22.36
N ARG A 5 -4.70 -16.04 21.97
CA ARG A 5 -4.13 -16.55 20.74
C ARG A 5 -4.92 -15.97 19.56
N GLN A 6 -4.20 -15.64 18.50
CA GLN A 6 -4.79 -15.01 17.34
C GLN A 6 -4.69 -16.03 16.22
N PRO A 7 -5.76 -16.76 15.84
CA PRO A 7 -5.61 -17.77 14.80
C PRO A 7 -5.03 -17.16 13.52
N GLN A 8 -4.15 -17.92 12.90
CA GLN A 8 -3.59 -17.59 11.60
C GLN A 8 -4.59 -17.84 10.48
N VAL A 9 -4.29 -17.30 9.31
CA VAL A 9 -5.20 -17.38 8.18
C VAL A 9 -5.46 -18.84 7.80
N ALA A 10 -4.44 -19.70 7.84
CA ALA A 10 -4.62 -21.10 7.42
C ALA A 10 -5.71 -21.78 8.25
N GLU A 11 -5.72 -21.47 9.55
CA GLU A 11 -6.65 -22.08 10.47
C GLU A 11 -8.07 -21.53 10.23
N LEU A 12 -8.22 -20.22 10.00
CA LEU A 12 -9.54 -19.64 9.71
C LEU A 12 -10.07 -20.17 8.39
N LEU A 13 -9.19 -20.28 7.40
CA LEU A 13 -9.60 -20.77 6.10
C LEU A 13 -10.10 -22.22 6.19
N ALA A 14 -9.45 -23.07 7.02
CA ALA A 14 -9.87 -24.46 7.21
C ALA A 14 -11.23 -24.56 7.90
N GLU A 15 -11.46 -23.73 8.90
CA GLU A 15 -12.76 -23.67 9.56
C GLU A 15 -13.86 -23.27 8.56
N ALA A 16 -13.57 -22.24 7.78
CA ALA A 16 -14.53 -21.72 6.81
C ALA A 16 -14.82 -22.74 5.71
N ARG A 17 -13.78 -23.41 5.21
CA ARG A 17 -14.00 -24.45 4.20
C ARG A 17 -14.82 -25.59 4.79
N ARG A 18 -14.50 -25.97 6.03
CA ARG A 18 -15.24 -27.06 6.63
C ARG A 18 -16.72 -26.67 6.78
N ALA A 19 -17.01 -25.49 7.35
CA ALA A 19 -18.41 -25.03 7.49
C ALA A 19 -19.10 -24.98 6.12
N PHE A 20 -18.39 -24.54 5.10
CA PHE A 20 -18.96 -24.41 3.76
C PHE A 20 -19.27 -25.78 3.15
N ARG A 21 -18.35 -26.75 3.27
CA ARG A 21 -18.57 -28.08 2.76
C ARG A 21 -19.86 -28.64 3.35
N GLU A 22 -20.00 -28.45 4.65
CA GLU A 22 -21.12 -29.02 5.38
C GLU A 22 -22.40 -28.33 4.95
N GLU A 23 -22.37 -27.00 4.74
CA GLU A 23 -23.58 -26.24 4.51
C GLU A 23 -24.01 -26.34 3.05
N PHE A 24 -23.06 -26.29 2.09
CA PHE A 24 -23.41 -26.17 0.68
C PHE A 24 -23.05 -27.40 -0.15
N GLY A 25 -22.34 -28.42 0.40
CA GLY A 25 -22.27 -29.75 -0.24
C GLY A 25 -21.03 -29.96 -1.13
N ALA A 26 -20.08 -29.02 -1.12
CA ALA A 26 -18.92 -29.06 -1.98
C ALA A 26 -17.86 -28.04 -1.47
N GLU A 27 -16.65 -28.10 -2.03
CA GLU A 27 -15.59 -27.15 -1.67
C GLU A 27 -15.97 -25.77 -2.19
N PRO A 28 -15.57 -24.69 -1.48
CA PRO A 28 -15.76 -23.34 -2.00
C PRO A 28 -14.77 -23.09 -3.12
N GLU A 29 -15.08 -22.15 -4.04
CA GLU A 29 -14.19 -21.86 -5.15
C GLU A 29 -13.24 -20.70 -4.85
N LEU A 30 -13.65 -19.75 -3.98
CA LEU A 30 -12.99 -18.47 -3.84
C LEU A 30 -12.82 -18.15 -2.35
N ALA A 31 -11.81 -17.32 -2.04
CA ALA A 31 -11.61 -16.92 -0.67
C ALA A 31 -10.93 -15.56 -0.59
N VAL A 32 -11.20 -14.87 0.53
CA VAL A 32 -10.62 -13.57 0.82
C VAL A 32 -10.50 -13.44 2.34
N SER A 33 -9.65 -12.49 2.76
CA SER A 33 -9.53 -12.08 4.15
C SER A 33 -9.49 -10.54 4.21
N ALA A 34 -9.88 -9.96 5.35
CA ALA A 34 -9.83 -8.52 5.63
C ALA A 34 -9.70 -8.34 7.14
N PRO A 35 -8.72 -7.53 7.61
CA PRO A 35 -8.44 -7.42 9.05
C PRO A 35 -9.28 -6.40 9.79
N GLY A 36 -9.33 -6.57 11.12
CA GLY A 36 -9.81 -5.52 11.98
C GLY A 36 -8.64 -4.54 12.18
N ARG A 37 -8.77 -3.64 13.15
CA ARG A 37 -7.82 -2.53 13.30
C ARG A 37 -7.84 -1.97 14.72
N VAL A 38 -6.76 -1.31 15.05
CA VAL A 38 -6.67 -0.48 16.24
C VAL A 38 -6.22 0.88 15.76
N ASN A 39 -6.71 1.94 16.40
CA ASN A 39 -6.28 3.28 16.07
C ASN A 39 -5.30 3.75 17.13
N LEU A 40 -4.08 4.10 16.70
CA LEU A 40 -3.04 4.44 17.63
C LEU A 40 -3.36 5.82 18.25
N ILE A 41 -3.83 6.77 17.40
CA ILE A 41 -4.18 8.11 17.82
C ILE A 41 -4.98 8.75 16.70
N GLY A 42 -5.79 9.79 17.04
CA GLY A 42 -6.59 10.48 16.04
C GLY A 42 -8.02 9.94 16.03
N GLU A 43 -8.66 10.07 17.19
CA GLU A 43 -10.00 9.59 17.42
C GLU A 43 -11.02 10.71 17.26
N HIS A 44 -12.15 10.31 16.68
CA HIS A 44 -13.27 11.14 16.29
C HIS A 44 -12.78 12.34 15.48
N THR A 45 -11.79 12.10 14.64
CA THR A 45 -11.36 13.09 13.66
C THR A 45 -11.77 12.74 12.25
N ASP A 46 -11.99 11.45 11.93
CA ASP A 46 -12.11 11.09 10.52
C ASP A 46 -13.31 11.77 9.88
N TYR A 47 -14.45 11.81 10.56
CA TYR A 47 -15.61 12.48 9.99
C TYR A 47 -15.53 14.00 10.09
N ASN A 48 -14.47 14.53 10.73
CA ASN A 48 -14.15 15.95 10.76
C ASN A 48 -13.07 16.30 9.72
N GLN A 49 -12.83 15.38 8.77
CA GLN A 49 -11.82 15.51 7.73
C GLN A 49 -10.43 15.71 8.32
N GLY A 50 -10.19 15.06 9.45
CA GLY A 50 -8.92 15.15 10.15
C GLY A 50 -7.92 14.07 9.70
N LEU A 51 -6.99 13.76 10.63
CA LEU A 51 -5.88 12.84 10.48
C LEU A 51 -6.13 11.71 11.46
N VAL A 52 -5.81 10.49 11.04
CA VAL A 52 -5.92 9.29 11.87
C VAL A 52 -4.67 8.44 11.62
N LEU A 53 -4.31 7.60 12.62
CA LEU A 53 -3.12 6.78 12.54
C LEU A 53 -3.42 5.36 13.04
N PRO A 54 -4.20 4.58 12.28
CA PRO A 54 -4.45 3.20 12.64
C PRO A 54 -3.44 2.21 12.08
N MET A 55 -3.51 0.96 12.56
CA MET A 55 -2.81 -0.15 11.95
C MET A 55 -3.77 -1.34 11.90
N ALA A 56 -3.60 -2.19 10.87
CA ALA A 56 -4.40 -3.41 10.73
C ALA A 56 -3.88 -4.44 11.74
N LEU A 57 -4.79 -5.28 12.23
CA LEU A 57 -4.47 -6.32 13.21
C LEU A 57 -4.37 -7.70 12.52
N GLU A 58 -3.82 -8.65 13.26
CA GLU A 58 -3.82 -10.05 12.87
C GLU A 58 -5.16 -10.71 13.17
N LEU A 59 -6.09 -10.03 13.85
CA LEU A 59 -7.47 -10.46 13.91
C LEU A 59 -8.15 -10.08 12.60
N MET A 60 -8.96 -10.99 12.04
CA MET A 60 -9.40 -10.83 10.65
C MET A 60 -10.67 -11.64 10.37
N THR A 61 -11.33 -11.22 9.31
CA THR A 61 -12.50 -11.90 8.80
C THR A 61 -12.13 -12.62 7.50
N VAL A 62 -12.56 -13.87 7.40
CA VAL A 62 -12.31 -14.68 6.22
C VAL A 62 -13.64 -15.16 5.67
N LEU A 63 -13.77 -14.97 4.35
CA LEU A 63 -14.93 -15.37 3.60
C LEU A 63 -14.49 -16.33 2.49
N VAL A 64 -15.19 -17.47 2.43
CA VAL A 64 -15.04 -18.43 1.35
C VAL A 64 -16.42 -18.59 0.70
N GLY A 65 -16.44 -18.71 -0.62
CA GLY A 65 -17.68 -18.95 -1.33
C GLY A 65 -17.50 -19.33 -2.79
N SER A 66 -18.64 -19.45 -3.46
CA SER A 66 -18.73 -19.77 -4.89
C SER A 66 -19.89 -18.99 -5.53
N PRO A 67 -19.81 -18.68 -6.84
CA PRO A 67 -20.93 -18.11 -7.58
C PRO A 67 -22.04 -19.13 -7.71
N ARG A 68 -23.28 -18.61 -7.78
CA ARG A 68 -24.48 -19.39 -8.03
C ARG A 68 -25.07 -18.96 -9.36
N LYS A 69 -26.06 -19.74 -9.82
CA LYS A 69 -26.70 -19.51 -11.09
C LYS A 69 -28.13 -19.01 -10.89
N ASP A 70 -28.63 -19.04 -9.65
CA ASP A 70 -30.06 -18.88 -9.40
C ASP A 70 -30.36 -17.47 -8.94
N GLY A 71 -29.38 -16.55 -8.96
CA GLY A 71 -29.64 -15.20 -8.52
C GLY A 71 -29.83 -15.05 -7.00
N LEU A 72 -29.53 -16.09 -6.19
CA LEU A 72 -29.70 -16.02 -4.74
C LEU A 72 -28.36 -15.81 -4.06
N VAL A 73 -28.41 -15.13 -2.90
CA VAL A 73 -27.31 -15.00 -1.96
C VAL A 73 -27.61 -15.92 -0.77
N SER A 74 -26.67 -16.80 -0.47
CA SER A 74 -26.87 -17.69 0.64
C SER A 74 -25.65 -17.57 1.55
N LEU A 75 -25.89 -17.32 2.85
CA LEU A 75 -24.87 -16.93 3.81
C LEU A 75 -24.90 -17.79 5.06
N LEU A 76 -23.73 -17.95 5.67
CA LEU A 76 -23.63 -18.61 6.95
C LEU A 76 -22.39 -18.07 7.64
N THR A 77 -22.54 -17.76 8.92
CA THR A 77 -21.43 -17.38 9.75
C THR A 77 -21.27 -18.37 10.88
N THR A 78 -20.03 -18.58 11.29
CA THR A 78 -19.75 -19.44 12.43
C THR A 78 -19.47 -18.56 13.65
N SER A 79 -19.31 -17.27 13.47
CA SER A 79 -18.98 -16.38 14.58
C SER A 79 -20.07 -16.49 15.66
N GLU A 80 -19.63 -16.84 16.88
CA GLU A 80 -20.48 -17.48 17.88
C GLU A 80 -21.48 -16.48 18.48
N GLY A 81 -21.05 -15.21 18.64
CA GLY A 81 -21.94 -14.17 19.13
C GLY A 81 -22.69 -13.40 18.03
N ALA A 82 -22.69 -13.84 16.76
CA ALA A 82 -23.50 -13.18 15.74
C ALA A 82 -24.97 -13.39 16.07
N ASP A 83 -25.83 -12.41 15.80
CA ASP A 83 -27.23 -12.57 16.18
C ASP A 83 -27.93 -13.51 15.20
N GLU A 84 -29.00 -14.17 15.67
CA GLU A 84 -29.72 -15.17 14.91
C GLU A 84 -30.57 -14.52 13.83
N PRO A 85 -30.81 -15.17 12.68
CA PRO A 85 -30.20 -16.47 12.39
C PRO A 85 -28.75 -16.30 11.89
N GLN A 86 -27.96 -17.34 12.06
CA GLN A 86 -26.59 -17.35 11.59
C GLN A 86 -26.49 -17.89 10.17
N ARG A 87 -27.62 -18.30 9.61
CA ARG A 87 -27.67 -18.64 8.20
C ARG A 87 -28.95 -18.00 7.68
N LEU A 88 -28.90 -17.61 6.42
CA LEU A 88 -30.02 -17.01 5.74
C LEU A 88 -29.71 -16.92 4.25
N GLN A 89 -30.78 -16.60 3.53
CA GLN A 89 -30.80 -16.59 2.08
C GLN A 89 -31.77 -15.49 1.62
N PHE A 90 -31.39 -14.79 0.55
CA PHE A 90 -32.22 -13.76 -0.06
C PHE A 90 -31.84 -13.58 -1.51
N PRO A 91 -32.76 -13.13 -2.40
CA PRO A 91 -32.36 -12.80 -3.77
C PRO A 91 -31.54 -11.52 -3.84
N LEU A 92 -30.74 -11.40 -4.91
CA LEU A 92 -29.99 -10.21 -5.22
C LEU A 92 -30.98 -9.07 -5.42
N PRO A 93 -30.57 -7.81 -5.16
CA PRO A 93 -31.36 -6.64 -5.57
C PRO A 93 -31.35 -6.51 -7.09
N THR A 94 -32.36 -5.83 -7.64
CA THR A 94 -32.45 -5.45 -9.05
C THR A 94 -32.66 -3.93 -9.12
N ALA A 95 -32.78 -3.40 -10.35
CA ALA A 95 -33.17 -2.01 -10.58
C ALA A 95 -34.46 -1.66 -9.84
N GLN A 96 -35.47 -2.53 -9.97
CA GLN A 96 -36.78 -2.26 -9.40
C GLN A 96 -36.78 -2.43 -7.88
N ARG A 97 -35.96 -3.35 -7.33
CA ARG A 97 -36.02 -3.73 -5.92
C ARG A 97 -34.66 -3.74 -5.27
N SER A 98 -34.49 -2.89 -4.27
CA SER A 98 -33.24 -2.86 -3.58
C SER A 98 -33.33 -3.66 -2.29
N LEU A 99 -32.18 -4.06 -1.76
CA LEU A 99 -32.17 -4.66 -0.46
C LEU A 99 -32.48 -3.59 0.57
N GLU A 100 -32.82 -4.05 1.78
CA GLU A 100 -33.09 -3.15 2.87
C GLU A 100 -32.45 -3.66 4.17
N PRO A 101 -32.12 -2.71 5.08
CA PRO A 101 -31.63 -3.09 6.40
C PRO A 101 -32.72 -3.93 7.07
N GLY A 102 -32.33 -4.98 7.80
CA GLY A 102 -33.27 -5.75 8.61
C GLY A 102 -32.51 -6.57 9.64
N THR A 103 -33.01 -7.79 9.92
CA THR A 103 -32.35 -8.75 10.78
C THR A 103 -31.87 -9.92 9.93
N PRO A 104 -30.77 -10.60 10.34
CA PRO A 104 -30.01 -10.19 11.51
C PRO A 104 -29.06 -9.04 11.18
N ARG A 105 -28.54 -8.44 12.25
CA ARG A 105 -27.72 -7.26 12.15
C ARG A 105 -26.39 -7.53 11.45
N TRP A 106 -25.74 -8.67 11.75
CA TRP A 106 -24.48 -8.98 11.08
C TRP A 106 -24.63 -8.97 9.56
N ALA A 107 -25.75 -9.47 9.06
CA ALA A 107 -25.92 -9.65 7.62
C ALA A 107 -26.21 -8.32 6.93
N ASN A 108 -26.55 -7.27 7.72
CA ASN A 108 -26.77 -5.95 7.15
C ASN A 108 -25.49 -5.44 6.50
N TYR A 109 -24.33 -5.79 7.05
CA TYR A 109 -23.06 -5.33 6.51
C TYR A 109 -22.82 -5.90 5.11
N VAL A 110 -23.21 -7.17 4.93
CA VAL A 110 -23.03 -7.86 3.66
C VAL A 110 -24.06 -7.32 2.66
N LYS A 111 -25.31 -7.20 3.11
CA LYS A 111 -26.36 -6.72 2.25
C LYS A 111 -26.02 -5.33 1.71
N GLY A 112 -25.57 -4.43 2.60
CA GLY A 112 -25.25 -3.09 2.18
C GLY A 112 -24.17 -3.05 1.11
N VAL A 113 -23.12 -3.88 1.24
CA VAL A 113 -22.02 -3.83 0.28
C VAL A 113 -22.51 -4.38 -1.06
N ILE A 114 -23.34 -5.42 -1.04
CA ILE A 114 -23.99 -5.90 -2.25
C ILE A 114 -24.79 -4.77 -2.90
N GLN A 115 -25.61 -4.10 -2.09
CA GLN A 115 -26.53 -3.08 -2.62
C GLN A 115 -25.74 -1.95 -3.32
N TYR A 116 -24.61 -1.52 -2.79
CA TYR A 116 -23.88 -0.38 -3.34
C TYR A 116 -22.68 -0.82 -4.19
N TYR A 117 -22.55 -2.13 -4.45
CA TYR A 117 -21.42 -2.63 -5.20
C TYR A 117 -21.46 -1.99 -6.56
N PRO A 118 -20.40 -1.31 -7.05
CA PRO A 118 -20.51 -0.45 -8.21
C PRO A 118 -20.43 -1.15 -9.56
N ALA A 119 -20.15 -2.46 -9.61
CA ALA A 119 -20.01 -3.10 -10.92
C ALA A 119 -21.10 -4.16 -11.11
N ALA A 120 -21.29 -4.50 -12.38
CA ALA A 120 -22.36 -5.43 -12.75
C ALA A 120 -21.88 -6.27 -13.92
N PRO A 121 -22.44 -7.47 -14.20
CA PRO A 121 -23.47 -8.08 -13.37
C PRO A 121 -22.90 -8.94 -12.23
N LEU A 122 -23.46 -8.76 -11.04
CA LEU A 122 -23.11 -9.57 -9.89
C LEU A 122 -23.96 -10.83 -9.90
N PRO A 123 -23.39 -12.05 -9.89
CA PRO A 123 -24.20 -13.25 -9.79
C PRO A 123 -24.59 -13.45 -8.33
N GLY A 124 -25.53 -14.37 -8.12
CA GLY A 124 -25.74 -14.92 -6.81
C GLY A 124 -24.50 -15.66 -6.30
N PHE A 125 -24.47 -15.95 -5.00
CA PHE A 125 -23.34 -16.68 -4.43
C PHE A 125 -23.72 -17.28 -3.09
N SER A 126 -22.95 -18.32 -2.75
CA SER A 126 -22.95 -18.98 -1.47
C SER A 126 -21.67 -18.60 -0.77
N ALA A 127 -21.73 -18.24 0.53
CA ALA A 127 -20.53 -17.91 1.29
C ALA A 127 -20.69 -18.25 2.77
N VAL A 128 -19.55 -18.61 3.36
CA VAL A 128 -19.31 -18.72 4.79
C VAL A 128 -18.36 -17.60 5.22
N VAL A 129 -18.70 -16.93 6.33
CA VAL A 129 -17.81 -15.97 6.95
C VAL A 129 -17.49 -16.41 8.37
N VAL A 130 -16.19 -16.32 8.69
CA VAL A 130 -15.63 -16.69 9.98
C VAL A 130 -14.79 -15.48 10.41
N SER A 131 -14.58 -15.28 11.71
CA SER A 131 -13.84 -14.09 12.13
C SER A 131 -13.22 -14.32 13.48
N SER A 132 -12.02 -13.75 13.67
CA SER A 132 -11.41 -13.70 14.97
C SER A 132 -11.52 -12.28 15.56
N VAL A 133 -12.11 -11.35 14.82
CA VAL A 133 -12.31 -10.02 15.39
C VAL A 133 -13.46 -10.09 16.38
N PRO A 134 -13.26 -9.73 17.66
CA PRO A 134 -14.34 -9.80 18.66
C PRO A 134 -15.47 -8.87 18.24
N LEU A 135 -16.70 -9.36 18.18
CA LEU A 135 -17.79 -8.60 17.60
C LEU A 135 -18.13 -7.45 18.54
N GLY A 136 -18.16 -6.25 17.96
CA GLY A 136 -18.60 -5.07 18.68
C GLY A 136 -17.62 -4.66 19.77
N GLY A 137 -16.42 -5.26 19.78
CA GLY A 137 -15.41 -4.98 20.79
C GLY A 137 -14.57 -3.74 20.47
N GLY A 138 -14.89 -3.01 19.40
CA GLY A 138 -14.21 -1.77 19.07
C GLY A 138 -12.94 -1.92 18.21
N LEU A 139 -12.76 -3.10 17.58
CA LEU A 139 -11.65 -3.37 16.67
C LEU A 139 -12.11 -3.54 15.23
N SER A 140 -13.27 -2.95 14.94
CA SER A 140 -13.85 -2.82 13.60
C SER A 140 -14.12 -4.19 12.96
N SER A 141 -14.83 -5.04 13.71
CA SER A 141 -15.31 -6.28 13.12
C SER A 141 -16.17 -5.97 11.89
N SER A 142 -17.03 -4.93 12.00
CA SER A 142 -17.97 -4.62 10.93
C SER A 142 -17.21 -4.20 9.68
N ALA A 143 -16.20 -3.35 9.82
CA ALA A 143 -15.51 -2.92 8.61
C ALA A 143 -14.82 -4.13 7.97
N SER A 144 -14.23 -5.03 8.78
CA SER A 144 -13.55 -6.21 8.27
C SER A 144 -14.53 -7.09 7.49
N LEU A 145 -15.78 -7.21 7.95
CA LEU A 145 -16.82 -7.93 7.22
C LEU A 145 -17.25 -7.21 5.94
N GLU A 146 -17.43 -5.89 5.98
CA GLU A 146 -17.73 -5.14 4.78
C GLU A 146 -16.64 -5.32 3.72
N VAL A 147 -15.37 -5.13 4.13
CA VAL A 147 -14.24 -5.20 3.22
C VAL A 147 -14.05 -6.64 2.71
N ALA A 148 -14.24 -7.67 3.56
CA ALA A 148 -14.10 -9.04 3.06
C ALA A 148 -15.19 -9.26 1.99
N THR A 149 -16.39 -8.73 2.25
CA THR A 149 -17.49 -8.89 1.30
C THR A 149 -17.15 -8.20 -0.01
N TYR A 150 -16.67 -6.98 0.08
CA TYR A 150 -16.37 -6.23 -1.12
C TYR A 150 -15.32 -7.02 -1.94
N THR A 151 -14.23 -7.43 -1.26
CA THR A 151 -13.12 -8.13 -1.90
C THR A 151 -13.62 -9.44 -2.56
N PHE A 152 -14.55 -10.13 -1.92
CA PHE A 152 -15.17 -11.32 -2.47
C PHE A 152 -16.00 -10.98 -3.71
N LEU A 153 -16.77 -9.88 -3.65
CA LEU A 153 -17.57 -9.47 -4.80
C LEU A 153 -16.68 -9.16 -5.99
N GLN A 154 -15.51 -8.55 -5.75
CA GLN A 154 -14.56 -8.30 -6.83
C GLN A 154 -14.14 -9.61 -7.50
N GLN A 155 -14.11 -10.75 -6.78
CA GLN A 155 -13.73 -11.98 -7.48
C GLN A 155 -14.88 -12.42 -8.38
N LEU A 156 -16.12 -12.07 -8.05
CA LEU A 156 -17.27 -12.45 -8.86
C LEU A 156 -17.39 -11.52 -10.04
N CYS A 157 -17.04 -10.24 -9.84
CA CYS A 157 -17.31 -9.25 -10.85
C CYS A 157 -16.37 -8.08 -10.62
N PRO A 158 -15.22 -8.02 -11.33
CA PRO A 158 -14.19 -7.01 -11.07
C PRO A 158 -14.69 -5.58 -11.13
N ASP A 159 -14.19 -4.72 -10.24
CA ASP A 159 -14.64 -3.35 -10.21
C ASP A 159 -13.60 -2.52 -10.99
N SER A 160 -13.76 -1.21 -11.02
CA SER A 160 -12.91 -0.46 -11.92
C SER A 160 -12.31 0.77 -11.25
N GLY A 161 -12.74 1.11 -10.03
CA GLY A 161 -12.26 2.32 -9.38
C GLY A 161 -10.97 2.07 -8.59
N THR A 162 -10.67 2.97 -7.65
CA THR A 162 -9.46 2.87 -6.86
C THR A 162 -9.82 2.25 -5.52
N ILE A 163 -8.80 2.05 -4.70
CA ILE A 163 -8.94 1.45 -3.39
C ILE A 163 -9.80 2.37 -2.51
N ALA A 164 -9.60 3.70 -2.60
CA ALA A 164 -10.38 4.66 -1.80
C ALA A 164 -11.88 4.56 -2.11
N ALA A 165 -12.26 4.37 -3.38
CA ALA A 165 -13.66 4.20 -3.78
C ALA A 165 -14.30 2.97 -3.13
N ARG A 166 -13.49 1.93 -2.90
CA ARG A 166 -13.98 0.71 -2.28
C ARG A 166 -14.27 1.02 -0.82
N ALA A 167 -13.37 1.75 -0.19
CA ALA A 167 -13.55 2.17 1.19
C ALA A 167 -14.85 2.95 1.34
N GLN A 168 -15.18 3.76 0.33
CA GLN A 168 -16.35 4.61 0.41
C GLN A 168 -17.63 3.81 0.20
N VAL A 169 -17.58 2.79 -0.67
CA VAL A 169 -18.72 1.90 -0.87
C VAL A 169 -19.07 1.27 0.48
N CYS A 170 -18.04 0.80 1.19
CA CYS A 170 -18.25 0.10 2.44
C CYS A 170 -18.78 1.06 3.50
N GLN A 171 -18.24 2.28 3.52
CA GLN A 171 -18.76 3.34 4.39
C GLN A 171 -20.26 3.59 4.16
N GLN A 172 -20.64 3.71 2.89
CA GLN A 172 -22.01 3.96 2.48
C GLN A 172 -22.90 2.81 2.93
N ALA A 173 -22.42 1.57 2.80
CA ALA A 173 -23.16 0.41 3.29
C ALA A 173 -23.39 0.55 4.79
N GLU A 174 -22.37 0.99 5.52
CA GLU A 174 -22.51 1.13 6.95
C GLU A 174 -23.52 2.23 7.31
N HIS A 175 -23.49 3.35 6.59
CA HIS A 175 -24.41 4.44 6.86
C HIS A 175 -25.86 3.99 6.68
N SER A 176 -26.14 3.33 5.53
CA SER A 176 -27.51 3.05 5.11
C SER A 176 -28.06 1.76 5.71
N PHE A 177 -27.18 0.77 5.95
CA PHE A 177 -27.70 -0.52 6.34
C PHE A 177 -27.52 -0.73 7.84
N ALA A 178 -26.62 -0.01 8.50
CA ALA A 178 -26.45 -0.23 9.92
C ALA A 178 -26.79 1.02 10.76
N GLY A 179 -27.35 2.07 10.15
CA GLY A 179 -27.67 3.31 10.86
C GLY A 179 -26.47 3.98 11.54
N MET A 180 -25.25 3.78 11.03
CA MET A 180 -24.05 4.20 11.74
C MET A 180 -23.24 5.15 10.86
N PRO A 181 -23.28 6.48 11.13
CA PRO A 181 -22.69 7.49 10.23
C PRO A 181 -21.20 7.64 10.43
N CYS A 182 -20.46 6.56 10.18
CA CYS A 182 -19.04 6.47 10.49
C CYS A 182 -18.21 7.31 9.51
N GLY A 183 -17.00 7.64 9.92
CA GLY A 183 -16.00 8.13 8.96
C GLY A 183 -15.43 6.99 8.12
N ILE A 184 -14.34 7.30 7.42
CA ILE A 184 -13.69 6.40 6.48
C ILE A 184 -12.62 5.54 7.16
N MET A 185 -12.15 5.90 8.37
CA MET A 185 -10.94 5.26 8.89
C MET A 185 -10.98 3.72 8.77
N ASP A 186 -12.03 3.05 9.26
CA ASP A 186 -11.92 1.63 9.57
C ASP A 186 -11.85 0.83 8.26
N GLN A 187 -12.61 1.28 7.27
CA GLN A 187 -12.64 0.67 5.95
C GLN A 187 -11.30 0.90 5.29
N PHE A 188 -10.78 2.13 5.33
CA PHE A 188 -9.50 2.40 4.70
C PHE A 188 -8.38 1.51 5.24
N ILE A 189 -8.25 1.43 6.57
CA ILE A 189 -7.17 0.64 7.16
C ILE A 189 -7.32 -0.86 6.83
N SER A 190 -8.55 -1.41 6.88
CA SER A 190 -8.77 -2.80 6.52
C SER A 190 -8.33 -3.07 5.06
N LEU A 191 -8.54 -2.10 4.14
CA LEU A 191 -8.11 -2.24 2.75
C LEU A 191 -6.61 -1.98 2.54
N MET A 192 -6.00 -1.01 3.22
N MET A 192 -6.02 -1.01 3.25
CA MET A 192 -4.68 -0.51 2.81
CA MET A 192 -4.74 -0.43 2.85
C MET A 192 -3.58 -0.85 3.80
C MET A 192 -3.61 -0.77 3.83
N GLY A 193 -3.90 -1.51 4.92
CA GLY A 193 -2.87 -1.88 5.89
C GLY A 193 -1.75 -2.72 5.26
N GLN A 194 -0.57 -2.64 5.86
CA GLN A 194 0.61 -3.40 5.47
C GLN A 194 1.34 -3.84 6.72
N LYS A 195 1.73 -5.12 6.72
CA LYS A 195 2.59 -5.71 7.71
C LYS A 195 3.65 -4.70 8.11
N GLY A 196 3.84 -4.49 9.42
CA GLY A 196 4.95 -3.67 9.87
C GLY A 196 4.76 -2.16 9.64
N HIS A 197 3.55 -1.70 9.33
CA HIS A 197 3.36 -0.27 9.11
C HIS A 197 2.08 0.17 9.74
N ALA A 198 2.10 1.42 10.22
CA ALA A 198 0.87 2.16 10.47
C ALA A 198 0.53 2.95 9.21
N LEU A 199 -0.73 3.40 9.15
CA LEU A 199 -1.24 4.15 8.02
C LEU A 199 -1.69 5.55 8.46
N LEU A 200 -0.97 6.60 8.05
CA LEU A 200 -1.40 7.98 8.30
C LEU A 200 -2.37 8.35 7.20
N ILE A 201 -3.65 8.55 7.59
CA ILE A 201 -4.72 8.84 6.65
C ILE A 201 -5.10 10.29 6.84
N ASP A 202 -4.97 11.05 5.76
CA ASP A 202 -5.51 12.40 5.69
C ASP A 202 -6.92 12.25 5.18
N CYS A 203 -7.92 12.36 6.07
CA CYS A 203 -9.30 12.13 5.67
C CYS A 203 -9.93 13.31 4.94
N ARG A 204 -9.21 14.42 4.79
CA ARG A 204 -9.69 15.47 3.91
C ARG A 204 -9.27 15.18 2.46
N SER A 205 -7.99 14.96 2.19
CA SER A 205 -7.54 14.69 0.82
C SER A 205 -7.61 13.21 0.47
N LEU A 206 -7.70 12.31 1.45
CA LEU A 206 -7.58 10.87 1.21
C LEU A 206 -6.17 10.43 0.78
N GLU A 207 -5.13 11.28 0.95
CA GLU A 207 -3.75 10.82 0.92
C GLU A 207 -3.49 9.87 2.07
N THR A 208 -2.61 8.90 1.84
CA THR A 208 -2.18 8.03 2.91
C THR A 208 -0.65 7.86 2.89
N SER A 209 -0.08 7.67 4.07
CA SER A 209 1.30 7.30 4.20
C SER A 209 1.45 6.02 5.01
N LEU A 210 2.27 5.08 4.49
CA LEU A 210 2.62 3.88 5.22
C LEU A 210 3.88 4.17 6.02
N VAL A 211 3.74 4.21 7.34
CA VAL A 211 4.83 4.62 8.21
C VAL A 211 5.36 3.37 8.91
N PRO A 212 6.62 2.96 8.67
CA PRO A 212 7.19 1.78 9.31
C PRO A 212 7.12 1.75 10.84
N LEU A 213 6.73 0.60 11.41
CA LEU A 213 6.88 0.28 12.82
C LEU A 213 7.83 -0.88 12.96
N SER A 214 9.11 -0.60 13.12
CA SER A 214 10.06 -1.66 12.96
C SER A 214 10.91 -1.88 14.22
N ASP A 215 10.66 -1.11 15.32
CA ASP A 215 11.43 -1.27 16.56
C ASP A 215 10.96 -2.54 17.28
N PRO A 216 11.75 -3.66 17.26
CA PRO A 216 11.31 -4.92 17.88
C PRO A 216 11.34 -4.91 19.41
N LYS A 217 11.93 -3.87 20.00
CA LYS A 217 11.91 -3.70 21.44
C LYS A 217 10.58 -3.12 21.92
N LEU A 218 9.71 -2.65 21.00
CA LEU A 218 8.43 -2.08 21.41
C LEU A 218 7.28 -3.03 21.13
N ALA A 219 6.16 -2.80 21.84
CA ALA A 219 4.91 -3.49 21.50
C ALA A 219 3.69 -2.58 21.62
N VAL A 220 2.60 -3.05 21.01
CA VAL A 220 1.26 -2.54 21.21
C VAL A 220 0.42 -3.63 21.88
N LEU A 221 -0.07 -3.31 23.08
CA LEU A 221 -1.00 -4.13 23.84
C LEU A 221 -2.42 -3.55 23.77
N ILE A 222 -3.32 -4.44 23.38
CA ILE A 222 -4.72 -4.12 23.24
C ILE A 222 -5.46 -4.79 24.40
N THR A 223 -6.21 -3.98 25.16
CA THR A 223 -6.98 -4.49 26.28
C THR A 223 -8.46 -4.25 26.00
N ASN A 224 -9.18 -5.36 25.94
CA ASN A 224 -10.62 -5.32 25.74
C ASN A 224 -11.24 -5.23 27.12
N SER A 225 -11.98 -4.14 27.36
CA SER A 225 -12.66 -3.94 28.64
C SER A 225 -13.78 -4.97 28.84
N ASN A 226 -14.28 -5.53 27.74
CA ASN A 226 -15.36 -6.51 27.70
C ASN A 226 -16.67 -5.87 28.17
N VAL A 227 -16.82 -4.60 27.86
CA VAL A 227 -18.01 -3.82 28.10
C VAL A 227 -18.43 -3.19 26.77
N ARG A 228 -19.73 -3.10 26.45
CA ARG A 228 -20.19 -2.16 25.43
C ARG A 228 -21.53 -1.53 25.86
N HIS A 229 -21.46 -0.33 26.50
CA HIS A 229 -22.62 0.45 26.93
C HIS A 229 -23.49 0.78 25.70
N SER A 230 -24.68 1.39 25.94
CA SER A 230 -25.71 1.63 24.93
C SER A 230 -25.55 2.99 24.24
N LEU A 231 -24.55 3.14 23.31
CA LEU A 231 -24.17 4.45 22.75
C LEU A 231 -23.45 4.41 21.38
N ALA A 232 -23.16 3.21 20.78
CA ALA A 232 -22.59 3.11 19.42
C ALA A 232 -23.69 3.40 18.42
N SER A 233 -24.80 2.64 18.58
CA SER A 233 -26.16 3.08 18.38
C SER A 233 -26.34 4.59 18.53
N SER A 234 -25.99 5.15 19.73
CA SER A 234 -26.64 6.34 20.29
C SER A 234 -25.79 7.63 20.33
N GLU A 235 -24.74 7.78 21.15
CA GLU A 235 -24.16 9.13 21.31
C GLU A 235 -23.25 9.54 20.14
N TYR A 236 -22.71 8.56 19.39
CA TYR A 236 -21.83 8.81 18.26
C TYR A 236 -22.45 9.79 17.26
N PRO A 237 -23.65 9.56 16.68
CA PRO A 237 -24.27 10.54 15.78
C PRO A 237 -24.48 11.93 16.40
N VAL A 238 -24.75 12.02 17.71
CA VAL A 238 -24.93 13.29 18.40
C VAL A 238 -23.63 14.10 18.37
N ARG A 239 -22.51 13.46 18.66
CA ARG A 239 -21.20 14.09 18.59
C ARG A 239 -20.89 14.61 17.19
N ARG A 240 -21.11 13.76 16.20
CA ARG A 240 -20.87 14.14 14.83
C ARG A 240 -21.72 15.36 14.46
N ARG A 241 -22.98 15.38 14.89
CA ARG A 241 -23.85 16.51 14.55
C ARG A 241 -23.41 17.77 15.29
N GLN A 242 -22.89 17.67 16.51
CA GLN A 242 -22.44 18.89 17.18
C GLN A 242 -21.18 19.44 16.50
N CYS A 243 -20.30 18.56 15.98
CA CYS A 243 -19.10 19.02 15.28
C CYS A 243 -19.50 19.84 14.05
N GLU A 244 -20.47 19.29 13.32
CA GLU A 244 -21.05 19.89 12.13
C GLU A 244 -21.62 21.27 12.44
N GLU A 245 -22.35 21.43 13.56
CA GLU A 245 -22.96 22.72 13.89
C GLU A 245 -21.86 23.70 14.30
N VAL A 246 -20.86 23.27 15.07
CA VAL A 246 -19.76 24.16 15.42
C VAL A 246 -19.05 24.68 14.17
N ALA A 247 -18.76 23.79 13.21
CA ALA A 247 -18.09 24.21 11.99
C ALA A 247 -18.93 25.25 11.28
N ARG A 248 -20.21 24.95 11.10
CA ARG A 248 -21.13 25.84 10.40
C ARG A 248 -21.09 27.21 11.08
N ALA A 249 -21.21 27.23 12.41
CA ALA A 249 -21.24 28.46 13.18
C ALA A 249 -19.95 29.26 13.02
N LEU A 250 -18.83 28.59 12.74
CA LEU A 250 -17.56 29.29 12.57
C LEU A 250 -17.32 29.63 11.11
N GLY A 251 -18.22 29.29 10.20
CA GLY A 251 -18.03 29.59 8.79
C GLY A 251 -17.04 28.66 8.11
N ALA A 252 -16.75 27.49 8.70
CA ALA A 252 -15.78 26.56 8.15
C ALA A 252 -16.46 25.33 7.55
N ALA A 253 -15.89 24.83 6.45
CA ALA A 253 -16.37 23.62 5.81
C ALA A 253 -16.27 22.40 6.72
N SER A 254 -15.25 22.39 7.59
CA SER A 254 -15.10 21.35 8.58
C SER A 254 -14.19 21.86 9.67
N LEU A 255 -14.12 21.11 10.78
CA LEU A 255 -13.23 21.49 11.86
C LEU A 255 -11.77 21.33 11.44
N ARG A 256 -11.50 20.57 10.36
CA ARG A 256 -10.15 20.51 9.83
C ARG A 256 -9.66 21.91 9.49
N GLU A 257 -10.53 22.82 9.03
CA GLU A 257 -10.03 24.12 8.67
C GLU A 257 -9.99 25.09 9.84
N VAL A 258 -10.21 24.64 11.08
CA VAL A 258 -10.11 25.53 12.21
C VAL A 258 -8.85 25.27 13.03
N GLN A 259 -8.03 26.29 13.25
CA GLN A 259 -6.81 26.10 14.00
C GLN A 259 -7.13 26.24 15.49
N LEU A 260 -6.36 25.57 16.33
CA LEU A 260 -6.66 25.53 17.73
C LEU A 260 -6.81 26.93 18.33
N GLU A 261 -5.91 27.86 17.97
CA GLU A 261 -5.87 29.16 18.60
C GLU A 261 -7.02 30.00 18.06
N GLU A 262 -7.39 29.79 16.80
CA GLU A 262 -8.57 30.42 16.25
C GLU A 262 -9.83 29.95 16.98
N LEU A 263 -9.97 28.64 17.21
CA LEU A 263 -11.12 28.10 17.94
C LEU A 263 -11.22 28.73 19.32
N GLU A 264 -10.07 28.87 20.00
CA GLU A 264 -10.00 29.33 21.38
C GLU A 264 -10.51 30.76 21.48
N ALA A 265 -10.25 31.59 20.46
CA ALA A 265 -10.68 32.97 20.43
C ALA A 265 -12.15 33.10 19.99
N ALA A 266 -12.82 32.01 19.60
CA ALA A 266 -14.15 32.09 19.04
C ALA A 266 -15.17 31.39 19.94
N ARG A 267 -14.85 31.19 21.21
CA ARG A 267 -15.77 30.65 22.20
C ARG A 267 -17.18 31.22 22.12
N ASP A 268 -17.33 32.53 21.87
CA ASP A 268 -18.62 33.18 21.95
C ASP A 268 -19.55 32.84 20.79
N LEU A 269 -19.00 32.25 19.72
CA LEU A 269 -19.77 31.93 18.53
C LEU A 269 -20.49 30.58 18.72
N VAL A 270 -20.07 29.79 19.71
CA VAL A 270 -20.57 28.44 19.87
C VAL A 270 -21.00 28.15 21.32
N SER A 271 -21.86 27.14 21.46
CA SER A 271 -22.26 26.63 22.77
C SER A 271 -21.04 26.09 23.51
N LYS A 272 -21.19 25.94 24.83
CA LYS A 272 -20.14 25.56 25.75
C LYS A 272 -19.72 24.11 25.45
N GLU A 273 -20.73 23.27 25.28
CA GLU A 273 -20.53 21.88 24.99
C GLU A 273 -19.84 21.75 23.63
N GLY A 274 -20.38 22.46 22.63
CA GLY A 274 -19.86 22.41 21.27
C GLY A 274 -18.38 22.79 21.24
N PHE A 275 -18.06 23.84 21.98
CA PHE A 275 -16.69 24.29 22.08
C PHE A 275 -15.78 23.15 22.56
N ARG A 276 -16.24 22.42 23.58
CA ARG A 276 -15.43 21.38 24.18
C ARG A 276 -15.23 20.25 23.17
N ARG A 277 -16.31 19.89 22.45
CA ARG A 277 -16.20 18.87 21.43
C ARG A 277 -15.17 19.27 20.39
N ALA A 278 -15.28 20.50 19.88
CA ALA A 278 -14.40 20.96 18.82
C ALA A 278 -12.96 21.10 19.33
N ARG A 279 -12.79 21.43 20.61
CA ARG A 279 -11.46 21.54 21.17
C ARG A 279 -10.78 20.17 21.12
N HIS A 280 -11.53 19.14 21.51
CA HIS A 280 -11.04 17.78 21.37
C HIS A 280 -10.62 17.54 19.93
N VAL A 281 -11.52 17.76 18.96
CA VAL A 281 -11.24 17.43 17.57
C VAL A 281 -10.02 18.20 17.04
N VAL A 282 -10.01 19.51 17.21
CA VAL A 282 -8.97 20.33 16.59
C VAL A 282 -7.62 20.01 17.24
N GLY A 283 -7.64 19.79 18.55
CA GLY A 283 -6.43 19.40 19.26
C GLY A 283 -5.95 18.01 18.83
N GLU A 284 -6.90 17.11 18.56
CA GLU A 284 -6.55 15.73 18.28
C GLU A 284 -5.89 15.66 16.91
N ILE A 285 -6.38 16.47 15.97
CA ILE A 285 -5.77 16.54 14.64
C ILE A 285 -4.29 16.98 14.74
N ARG A 286 -4.03 17.96 15.62
CA ARG A 286 -2.67 18.45 15.86
C ARG A 286 -1.84 17.34 16.50
N ARG A 287 -2.45 16.64 17.46
CA ARG A 287 -1.75 15.58 18.18
C ARG A 287 -1.36 14.46 17.23
N THR A 288 -2.21 14.15 16.25
CA THR A 288 -1.99 13.11 15.27
C THR A 288 -0.80 13.46 14.37
N ALA A 289 -0.75 14.71 13.88
CA ALA A 289 0.38 15.12 13.07
C ALA A 289 1.65 15.03 13.91
N GLN A 290 1.62 15.53 15.16
CA GLN A 290 2.78 15.43 16.03
C GLN A 290 3.19 13.98 16.30
N ALA A 291 2.22 13.07 16.39
CA ALA A 291 2.48 11.69 16.75
C ALA A 291 3.16 11.00 15.58
N ALA A 292 2.71 11.33 14.36
CA ALA A 292 3.33 10.78 13.20
C ALA A 292 4.77 11.23 13.13
N ALA A 293 5.06 12.49 13.45
CA ALA A 293 6.44 12.96 13.46
C ALA A 293 7.27 12.22 14.52
N ALA A 294 6.69 12.02 15.72
CA ALA A 294 7.41 11.32 16.76
C ALA A 294 7.73 9.88 16.32
N LEU A 295 6.77 9.22 15.68
CA LEU A 295 6.98 7.88 15.17
C LEU A 295 8.16 7.87 14.20
N ARG A 296 8.21 8.84 13.27
CA ARG A 296 9.24 8.87 12.25
C ARG A 296 10.61 9.06 12.87
N ARG A 297 10.68 9.72 14.00
CA ARG A 297 11.96 10.04 14.60
C ARG A 297 12.26 8.95 15.66
N GLY A 298 11.40 7.95 15.81
CA GLY A 298 11.58 6.91 16.82
C GLY A 298 11.36 7.38 18.26
N ASP A 299 10.63 8.48 18.45
CA ASP A 299 10.45 9.02 19.79
C ASP A 299 9.17 8.45 20.41
N TYR A 300 9.27 7.22 20.93
CA TYR A 300 8.15 6.51 21.55
C TYR A 300 7.72 7.17 22.86
N ARG A 301 8.62 7.83 23.59
CA ARG A 301 8.19 8.55 24.78
C ARG A 301 7.26 9.69 24.41
N ALA A 302 7.60 10.46 23.36
CA ALA A 302 6.73 11.56 22.95
C ALA A 302 5.39 11.01 22.42
N PHE A 303 5.45 9.92 21.64
CA PHE A 303 4.26 9.29 21.08
C PHE A 303 3.31 8.88 22.21
N GLY A 304 3.85 8.22 23.25
CA GLY A 304 3.08 7.83 24.43
C GLY A 304 2.39 9.03 25.12
N ARG A 305 3.13 10.11 25.37
CA ARG A 305 2.55 11.27 26.05
C ARG A 305 1.36 11.80 25.21
N LEU A 306 1.49 11.87 23.88
CA LEU A 306 0.40 12.28 23.00
C LEU A 306 -0.82 11.33 23.15
N MET A 307 -0.56 10.03 23.29
CA MET A 307 -1.65 9.08 23.46
C MET A 307 -2.45 9.43 24.72
N VAL A 308 -1.76 9.69 25.83
CA VAL A 308 -2.39 10.01 27.11
C VAL A 308 -3.19 11.32 27.01
N GLU A 309 -2.61 12.34 26.38
CA GLU A 309 -3.33 13.57 26.13
C GLU A 309 -4.57 13.31 25.27
N SER A 310 -4.48 12.42 24.27
CA SER A 310 -5.66 12.03 23.49
C SER A 310 -6.76 11.45 24.38
N HIS A 311 -6.38 10.54 25.28
CA HIS A 311 -7.36 9.92 26.16
C HIS A 311 -8.04 10.95 27.07
N ARG A 312 -7.24 11.84 27.68
CA ARG A 312 -7.79 12.81 28.59
C ARG A 312 -8.77 13.73 27.88
N SER A 313 -8.44 14.11 26.64
CA SER A 313 -9.31 14.91 25.79
C SER A 313 -10.63 14.17 25.46
N LEU A 314 -10.55 12.89 25.08
CA LEU A 314 -11.73 12.09 24.78
C LEU A 314 -12.59 11.90 26.01
N ARG A 315 -11.91 11.78 27.16
CA ARG A 315 -12.58 11.53 28.41
C ARG A 315 -13.31 12.78 28.87
N ASP A 316 -12.68 13.94 28.81
CA ASP A 316 -13.25 15.13 29.45
C ASP A 316 -13.86 16.10 28.44
N ASP A 317 -13.23 16.31 27.28
CA ASP A 317 -13.78 17.25 26.33
C ASP A 317 -14.79 16.55 25.43
N TYR A 318 -14.50 15.33 24.93
CA TYR A 318 -15.43 14.73 23.99
C TYR A 318 -16.44 13.85 24.71
N GLU A 319 -16.13 13.44 25.95
CA GLU A 319 -17.00 12.58 26.75
C GLU A 319 -17.46 11.33 26.00
N VAL A 320 -16.51 10.52 25.53
CA VAL A 320 -16.86 9.25 24.91
C VAL A 320 -16.10 8.09 25.54
N SER A 321 -15.44 8.32 26.70
CA SER A 321 -14.84 7.25 27.47
C SER A 321 -15.91 6.67 28.38
N CYS A 322 -15.50 5.84 29.32
CA CYS A 322 -16.39 5.31 30.35
C CYS A 322 -15.50 4.83 31.50
N PRO A 323 -16.04 4.53 32.70
CA PRO A 323 -15.15 4.31 33.86
C PRO A 323 -14.26 3.08 33.70
N GLU A 324 -14.68 2.07 32.91
CA GLU A 324 -13.88 0.87 32.69
C GLU A 324 -12.63 1.27 31.90
N LEU A 325 -12.83 2.00 30.78
CA LEU A 325 -11.72 2.41 29.95
C LEU A 325 -10.73 3.25 30.73
N ASP A 326 -11.24 4.23 31.50
CA ASP A 326 -10.40 5.11 32.30
C ASP A 326 -9.62 4.32 33.36
N GLN A 327 -10.28 3.36 33.98
CA GLN A 327 -9.61 2.53 34.95
C GLN A 327 -8.49 1.72 34.27
N LEU A 328 -8.78 1.17 33.07
CA LEU A 328 -7.77 0.43 32.32
C LEU A 328 -6.59 1.32 31.94
N VAL A 329 -6.85 2.57 31.57
CA VAL A 329 -5.77 3.44 31.11
C VAL A 329 -4.83 3.76 32.27
N GLU A 330 -5.40 4.12 33.43
CA GLU A 330 -4.63 4.45 34.62
C GLU A 330 -3.84 3.24 35.12
N ALA A 331 -4.44 2.06 35.09
CA ALA A 331 -3.70 0.88 35.51
C ALA A 331 -2.49 0.68 34.59
N ALA A 332 -2.68 0.82 33.27
CA ALA A 332 -1.59 0.68 32.29
C ALA A 332 -0.44 1.64 32.60
N LEU A 333 -0.76 2.92 32.79
CA LEU A 333 0.25 3.97 32.93
C LEU A 333 1.06 3.83 34.21
N ALA A 334 0.64 2.98 35.14
CA ALA A 334 1.41 2.72 36.35
C ALA A 334 2.45 1.62 36.12
N VAL A 335 2.45 0.95 34.98
CA VAL A 335 3.40 -0.14 34.82
C VAL A 335 4.68 0.46 34.26
N PRO A 336 5.87 0.21 34.87
CA PRO A 336 7.13 0.63 34.26
C PRO A 336 7.36 -0.08 32.92
N GLY A 337 7.76 0.72 31.91
CA GLY A 337 7.89 0.29 30.53
C GLY A 337 6.72 0.70 29.65
N VAL A 338 5.68 1.29 30.24
CA VAL A 338 4.54 1.72 29.46
C VAL A 338 4.74 3.19 29.12
N TYR A 339 4.63 3.54 27.83
CA TYR A 339 4.92 4.89 27.40
C TYR A 339 3.61 5.68 27.25
N GLY A 340 2.50 5.03 26.90
CA GLY A 340 1.22 5.71 26.83
C GLY A 340 0.09 4.68 26.67
N SER A 341 -1.13 5.14 26.96
CA SER A 341 -2.33 4.31 26.87
C SER A 341 -3.54 5.23 26.69
N ARG A 342 -4.53 4.75 25.94
CA ARG A 342 -5.73 5.51 25.64
C ARG A 342 -6.83 4.53 25.19
N MET A 343 -8.10 4.93 25.30
CA MET A 343 -9.17 4.28 24.57
C MET A 343 -8.90 4.37 23.05
N THR A 344 -9.45 3.39 22.33
CA THR A 344 -9.37 3.38 20.88
C THR A 344 -10.77 3.07 20.34
N GLY A 345 -11.02 3.47 19.10
CA GLY A 345 -12.31 3.32 18.46
C GLY A 345 -13.32 4.35 18.96
N GLY A 346 -14.60 3.98 18.82
CA GLY A 346 -15.71 4.88 19.04
C GLY A 346 -15.86 5.33 20.49
N GLY A 347 -15.56 4.45 21.47
CA GLY A 347 -15.82 4.77 22.87
C GLY A 347 -17.00 4.02 23.48
N PHE A 348 -17.23 4.31 24.76
CA PHE A 348 -18.34 3.83 25.58
C PHE A 348 -18.17 2.34 25.90
N GLY A 349 -16.91 1.87 25.79
CA GLY A 349 -16.57 0.47 25.89
C GLY A 349 -15.48 0.12 24.91
N GLY A 350 -15.31 -1.18 24.69
CA GLY A 350 -14.34 -1.65 23.71
C GLY A 350 -12.95 -1.69 24.34
N CYS A 351 -11.94 -1.25 23.59
CA CYS A 351 -10.56 -1.55 23.94
C CYS A 351 -9.77 -0.29 24.27
N THR A 352 -8.69 -0.45 25.05
CA THR A 352 -7.59 0.49 25.09
C THR A 352 -6.42 -0.03 24.27
N VAL A 353 -5.58 0.89 23.77
CA VAL A 353 -4.31 0.58 23.10
C VAL A 353 -3.16 1.17 23.94
N THR A 354 -2.09 0.39 24.16
CA THR A 354 -1.01 0.76 25.05
C THR A 354 0.33 0.56 24.33
N LEU A 355 1.22 1.55 24.36
CA LEU A 355 2.54 1.44 23.76
C LEU A 355 3.54 1.16 24.87
N LEU A 356 4.30 0.05 24.77
CA LEU A 356 5.13 -0.34 25.90
C LEU A 356 6.36 -1.10 25.42
N GLU A 357 7.38 -1.14 26.27
CA GLU A 357 8.48 -2.07 26.06
C GLU A 357 7.88 -3.46 25.95
N ALA A 358 8.23 -4.18 24.88
CA ALA A 358 7.74 -5.54 24.71
C ALA A 358 8.10 -6.40 25.92
N SER A 359 9.21 -6.14 26.61
CA SER A 359 9.53 -6.96 27.78
C SER A 359 8.66 -6.62 29.00
N ALA A 360 7.99 -5.48 28.98
CA ALA A 360 7.09 -5.15 30.08
C ALA A 360 5.70 -5.76 29.87
N ALA A 361 5.44 -6.48 28.80
CA ALA A 361 4.06 -6.81 28.47
C ALA A 361 3.48 -7.85 29.44
N PRO A 362 4.16 -8.97 29.75
CA PRO A 362 3.71 -9.85 30.84
C PRO A 362 3.38 -9.09 32.14
N HIS A 363 4.27 -8.24 32.64
CA HIS A 363 3.97 -7.48 33.85
C HIS A 363 2.69 -6.63 33.65
N ALA A 364 2.53 -5.99 32.49
CA ALA A 364 1.42 -5.07 32.28
C ALA A 364 0.08 -5.82 32.28
N MET A 365 0.04 -6.99 31.65
CA MET A 365 -1.20 -7.75 31.59
C MET A 365 -1.62 -8.19 32.99
N ARG A 366 -0.68 -8.59 33.86
CA ARG A 366 -1.00 -8.96 35.23
C ARG A 366 -1.42 -7.72 36.03
N HIS A 367 -0.68 -6.62 35.90
CA HIS A 367 -1.04 -5.44 36.67
C HIS A 367 -2.41 -4.90 36.28
N ILE A 368 -2.68 -4.83 34.97
CA ILE A 368 -3.92 -4.27 34.47
C ILE A 368 -5.11 -5.14 34.91
N GLN A 369 -5.02 -6.46 34.76
CA GLN A 369 -6.12 -7.33 35.13
C GLN A 369 -6.40 -7.28 36.64
N GLU A 370 -5.34 -7.20 37.45
CA GLU A 370 -5.40 -7.16 38.89
C GLU A 370 -6.10 -5.89 39.39
N HIS A 371 -5.89 -4.79 38.66
CA HIS A 371 -6.43 -3.49 39.03
C HIS A 371 -7.66 -3.13 38.21
N TYR A 372 -8.32 -4.10 37.55
CA TYR A 372 -9.54 -3.83 36.79
C TYR A 372 -10.75 -4.51 37.40
N GLY A 373 -11.79 -3.72 37.71
CA GLY A 373 -13.02 -4.21 38.31
C GLY A 373 -13.69 -5.31 37.48
N GLY A 374 -13.53 -5.26 36.16
CA GLY A 374 -14.10 -6.29 35.31
C GLY A 374 -13.12 -7.42 35.02
N THR A 375 -13.37 -8.04 33.85
CA THR A 375 -12.52 -9.05 33.24
C THR A 375 -11.99 -8.55 31.89
N ALA A 376 -10.73 -8.13 31.88
CA ALA A 376 -10.07 -7.73 30.65
C ALA A 376 -9.64 -8.98 29.88
N THR A 377 -9.63 -8.89 28.56
CA THR A 377 -8.89 -9.82 27.72
C THR A 377 -7.82 -8.99 27.01
N PHE A 378 -6.79 -9.63 26.45
CA PHE A 378 -5.64 -8.91 25.88
C PHE A 378 -5.26 -9.50 24.52
N TYR A 379 -4.76 -8.64 23.64
CA TYR A 379 -4.04 -9.04 22.45
C TYR A 379 -2.68 -8.31 22.35
N LEU A 380 -1.64 -9.05 21.98
CA LEU A 380 -0.40 -8.43 21.54
C LEU A 380 -0.37 -8.51 20.02
N SER A 381 -0.79 -7.45 19.32
CA SER A 381 -0.93 -7.59 17.88
C SER A 381 0.14 -6.74 17.23
N GLN A 382 0.71 -7.32 16.18
CA GLN A 382 1.65 -6.64 15.31
C GLN A 382 0.83 -5.94 14.23
N ALA A 383 1.43 -4.92 13.58
CA ALA A 383 0.80 -4.30 12.42
C ALA A 383 0.76 -5.32 11.27
N ALA A 384 -0.41 -5.53 10.72
CA ALA A 384 -0.66 -6.57 9.77
C ALA A 384 -1.02 -6.01 8.38
N ASP A 385 -1.12 -6.95 7.44
CA ASP A 385 -1.54 -6.68 6.08
C ASP A 385 -3.02 -6.33 6.02
N GLY A 386 -3.41 -5.65 4.94
CA GLY A 386 -4.81 -5.43 4.66
C GLY A 386 -5.44 -6.57 3.85
N ALA A 387 -6.60 -6.23 3.26
CA ALA A 387 -7.45 -7.19 2.59
C ALA A 387 -6.68 -7.90 1.47
N LYS A 388 -6.98 -9.18 1.29
CA LYS A 388 -6.43 -9.89 0.15
C LYS A 388 -7.27 -11.11 -0.28
N VAL A 389 -6.97 -11.52 -1.51
CA VAL A 389 -7.50 -12.74 -2.09
C VAL A 389 -6.65 -13.90 -1.62
N LEU A 390 -7.29 -15.05 -1.36
CA LEU A 390 -6.62 -16.32 -1.03
C LEU A 390 -7.04 -17.36 -2.07
N CYS A 391 -6.05 -17.90 -2.79
CA CYS A 391 -6.29 -18.84 -3.88
C CYS A 391 -6.57 -20.21 -3.31
N LEU A 392 -7.71 -20.81 -3.68
CA LEU A 392 -8.03 -22.14 -3.19
C LEU A 392 -7.56 -23.16 -4.23
N ALA B 2 -0.08 7.29 -32.28
CA ALA B 2 -0.63 5.91 -32.30
C ALA B 2 0.10 5.12 -31.23
N ALA B 3 -0.51 5.05 -30.04
CA ALA B 3 0.08 4.39 -28.90
C ALA B 3 -0.03 2.88 -29.06
N LEU B 4 0.87 2.18 -28.36
CA LEU B 4 1.04 0.74 -28.47
C LEU B 4 0.00 0.08 -27.56
N ARG B 5 -0.78 -0.85 -28.12
CA ARG B 5 -1.74 -1.59 -27.33
C ARG B 5 -0.97 -2.36 -26.27
N GLN B 6 -1.32 -2.06 -25.02
CA GLN B 6 -0.72 -2.66 -23.86
C GLN B 6 -1.52 -3.93 -23.55
N PRO B 7 -0.94 -5.14 -23.70
CA PRO B 7 -1.72 -6.34 -23.51
C PRO B 7 -2.15 -6.45 -22.05
N GLN B 8 -3.41 -6.83 -21.86
CA GLN B 8 -4.00 -6.93 -20.53
C GLN B 8 -3.53 -8.22 -19.90
N VAL B 9 -3.78 -8.35 -18.61
CA VAL B 9 -3.19 -9.44 -17.90
C VAL B 9 -3.68 -10.75 -18.52
N ALA B 10 -4.94 -10.81 -18.99
CA ALA B 10 -5.52 -12.04 -19.51
C ALA B 10 -4.77 -12.54 -20.75
N GLU B 11 -4.39 -11.66 -21.67
CA GLU B 11 -3.68 -12.10 -22.87
C GLU B 11 -2.31 -12.66 -22.47
N LEU B 12 -1.63 -11.99 -21.53
CA LEU B 12 -0.33 -12.45 -21.09
C LEU B 12 -0.44 -13.83 -20.40
N LEU B 13 -1.36 -13.95 -19.43
CA LEU B 13 -1.68 -15.22 -18.79
C LEU B 13 -1.87 -16.34 -19.83
N ALA B 14 -2.68 -16.05 -20.87
CA ALA B 14 -3.05 -17.07 -21.86
C ALA B 14 -1.84 -17.51 -22.67
N GLU B 15 -0.93 -16.58 -22.96
CA GLU B 15 0.33 -16.92 -23.62
C GLU B 15 1.19 -17.76 -22.65
N ALA B 16 1.27 -17.36 -21.36
CA ALA B 16 2.03 -18.08 -20.36
C ALA B 16 1.54 -19.53 -20.22
N ARG B 17 0.23 -19.70 -19.97
CA ARG B 17 -0.34 -21.02 -19.81
C ARG B 17 -0.13 -21.88 -21.06
N ARG B 18 -0.35 -21.33 -22.26
CA ARG B 18 -0.22 -22.14 -23.46
C ARG B 18 1.19 -22.70 -23.53
N ALA B 19 2.17 -21.82 -23.33
CA ALA B 19 3.55 -22.24 -23.55
C ALA B 19 3.92 -23.26 -22.46
N PHE B 20 3.32 -23.09 -21.26
CA PHE B 20 3.55 -23.99 -20.13
C PHE B 20 3.04 -25.39 -20.47
N ARG B 21 1.85 -25.46 -21.06
CA ARG B 21 1.22 -26.75 -21.41
C ARG B 21 2.08 -27.53 -22.39
N GLU B 22 2.45 -26.86 -23.49
CA GLU B 22 3.30 -27.41 -24.54
C GLU B 22 4.63 -27.89 -23.96
N GLU B 23 5.22 -27.10 -23.07
CA GLU B 23 6.55 -27.36 -22.55
C GLU B 23 6.49 -28.48 -21.50
N PHE B 24 5.49 -28.50 -20.58
CA PHE B 24 5.56 -29.35 -19.39
C PHE B 24 4.53 -30.49 -19.37
N GLY B 25 3.52 -30.41 -20.24
CA GLY B 25 2.58 -31.50 -20.39
C GLY B 25 1.43 -31.44 -19.40
N ALA B 26 1.19 -30.30 -18.76
CA ALA B 26 0.02 -30.14 -17.91
C ALA B 26 -0.20 -28.65 -17.61
N GLU B 27 -1.35 -28.32 -17.02
CA GLU B 27 -1.70 -26.94 -16.76
C GLU B 27 -0.84 -26.44 -15.59
N PRO B 28 -0.46 -25.15 -15.53
CA PRO B 28 0.27 -24.64 -14.35
C PRO B 28 -0.70 -24.51 -13.19
N GLU B 29 -0.23 -24.65 -11.95
CA GLU B 29 -1.06 -24.61 -10.75
C GLU B 29 -1.18 -23.18 -10.21
N LEU B 30 -0.16 -22.33 -10.43
CA LEU B 30 0.00 -21.09 -9.69
C LEU B 30 0.31 -19.99 -10.69
N ALA B 31 -0.07 -18.74 -10.37
CA ALA B 31 0.28 -17.62 -11.25
C ALA B 31 0.36 -16.28 -10.52
N VAL B 32 1.18 -15.37 -11.07
CA VAL B 32 1.46 -14.07 -10.50
C VAL B 32 1.70 -13.07 -11.63
N SER B 33 1.54 -11.78 -11.31
CA SER B 33 1.94 -10.70 -12.18
C SER B 33 2.72 -9.64 -11.38
N ALA B 34 3.54 -8.90 -12.08
CA ALA B 34 4.30 -7.85 -11.43
C ALA B 34 4.66 -6.85 -12.51
N PRO B 35 4.39 -5.56 -12.29
CA PRO B 35 4.55 -4.58 -13.36
C PRO B 35 5.92 -3.95 -13.40
N GLY B 36 6.23 -3.36 -14.57
CA GLY B 36 7.23 -2.33 -14.72
C GLY B 36 6.74 -0.99 -14.17
N ARG B 37 7.53 0.06 -14.38
CA ARG B 37 7.36 1.34 -13.73
C ARG B 37 7.89 2.46 -14.63
N VAL B 38 7.31 3.67 -14.52
CA VAL B 38 8.01 4.85 -15.02
C VAL B 38 8.29 5.76 -13.83
N ASN B 39 9.48 6.37 -13.78
CA ASN B 39 9.75 7.35 -12.74
C ASN B 39 9.38 8.74 -13.24
N LEU B 40 8.48 9.41 -12.50
CA LEU B 40 7.96 10.71 -12.91
C LEU B 40 9.02 11.77 -12.65
N ILE B 41 9.74 11.67 -11.52
CA ILE B 41 10.84 12.56 -11.19
C ILE B 41 11.61 11.93 -10.02
N GLY B 42 12.89 12.31 -9.86
CA GLY B 42 13.70 11.74 -8.81
C GLY B 42 14.67 10.69 -9.33
N GLU B 43 15.57 11.09 -10.23
CA GLU B 43 16.47 10.16 -10.86
C GLU B 43 17.86 10.19 -10.20
N HIS B 44 18.44 8.97 -10.04
CA HIS B 44 19.73 8.74 -9.42
C HIS B 44 19.75 9.32 -8.01
N THR B 45 18.62 9.17 -7.28
CA THR B 45 18.53 9.57 -5.89
C THR B 45 18.32 8.38 -4.95
N ASP B 46 17.81 7.25 -5.47
CA ASP B 46 17.40 6.16 -4.60
C ASP B 46 18.59 5.57 -3.85
N TYR B 47 19.71 5.32 -4.54
CA TYR B 47 20.91 4.78 -3.91
C TYR B 47 21.64 5.85 -3.08
N ASN B 48 21.15 7.08 -3.10
CA ASN B 48 21.63 8.19 -2.29
C ASN B 48 20.68 8.48 -1.13
N GLN B 49 19.80 7.51 -0.82
CA GLN B 49 18.84 7.63 0.25
C GLN B 49 17.90 8.81 0.04
N GLY B 50 17.56 9.02 -1.24
CA GLY B 50 16.81 10.17 -1.68
C GLY B 50 15.29 9.88 -1.71
N LEU B 51 14.60 10.71 -2.51
CA LEU B 51 13.18 10.61 -2.78
C LEU B 51 12.99 10.28 -4.26
N VAL B 52 12.00 9.42 -4.55
CA VAL B 52 11.62 9.10 -5.91
C VAL B 52 10.11 9.14 -6.04
N LEU B 53 9.63 9.43 -7.25
CA LEU B 53 8.20 9.52 -7.46
C LEU B 53 7.75 8.70 -8.67
N PRO B 54 7.83 7.36 -8.62
CA PRO B 54 7.35 6.50 -9.72
C PRO B 54 5.87 6.14 -9.71
N MET B 55 5.40 5.54 -10.80
CA MET B 55 4.14 4.81 -10.80
C MET B 55 4.31 3.45 -11.50
N ALA B 56 3.50 2.48 -11.08
CA ALA B 56 3.46 1.17 -11.73
C ALA B 56 2.69 1.32 -13.04
N LEU B 57 3.12 0.54 -14.05
CA LEU B 57 2.54 0.54 -15.38
C LEU B 57 1.64 -0.68 -15.59
N GLU B 58 0.94 -0.66 -16.73
CA GLU B 58 0.12 -1.77 -17.15
C GLU B 58 0.98 -2.78 -17.91
N LEU B 59 2.15 -2.33 -18.40
CA LEU B 59 3.16 -3.22 -18.92
C LEU B 59 3.67 -4.09 -17.78
N MET B 60 3.62 -5.42 -17.97
CA MET B 60 3.91 -6.29 -16.85
C MET B 60 4.55 -7.62 -17.27
N THR B 61 5.10 -8.28 -16.26
CA THR B 61 5.63 -9.64 -16.39
C THR B 61 4.65 -10.58 -15.72
N VAL B 62 4.33 -11.70 -16.37
CA VAL B 62 3.47 -12.70 -15.78
C VAL B 62 4.25 -14.01 -15.74
N LEU B 63 4.12 -14.73 -14.63
CA LEU B 63 4.83 -16.00 -14.44
C LEU B 63 3.80 -17.04 -13.95
N VAL B 64 3.77 -18.20 -14.62
CA VAL B 64 2.91 -19.31 -14.21
C VAL B 64 3.78 -20.52 -13.88
N GLY B 65 3.32 -21.39 -12.99
CA GLY B 65 4.13 -22.53 -12.62
C GLY B 65 3.48 -23.49 -11.63
N SER B 66 4.27 -24.50 -11.29
CA SER B 66 3.86 -25.58 -10.42
C SER B 66 5.04 -26.07 -9.61
N PRO B 67 4.84 -26.50 -8.35
CA PRO B 67 5.92 -27.10 -7.59
C PRO B 67 6.36 -28.41 -8.23
N ARG B 68 7.63 -28.76 -8.06
CA ARG B 68 8.11 -30.10 -8.37
C ARG B 68 8.51 -30.78 -7.06
N LYS B 69 8.81 -32.07 -7.14
CA LYS B 69 9.27 -32.83 -6.00
C LYS B 69 10.77 -33.16 -6.05
N ASP B 70 11.48 -32.81 -7.13
CA ASP B 70 12.85 -33.29 -7.37
C ASP B 70 13.91 -32.22 -7.09
N GLY B 71 13.60 -31.09 -6.47
CA GLY B 71 14.64 -30.10 -6.18
C GLY B 71 15.20 -29.28 -7.36
N LEU B 72 14.65 -29.40 -8.59
CA LEU B 72 15.16 -28.68 -9.75
C LEU B 72 14.23 -27.51 -10.06
N VAL B 73 14.78 -26.50 -10.77
CA VAL B 73 14.04 -25.39 -11.34
C VAL B 73 14.14 -25.51 -12.85
N SER B 74 13.00 -25.48 -13.52
CA SER B 74 12.91 -25.58 -14.99
C SER B 74 12.11 -24.38 -15.50
N LEU B 75 12.79 -23.51 -16.27
CA LEU B 75 12.25 -22.22 -16.71
C LEU B 75 12.12 -22.19 -18.22
N LEU B 76 11.09 -21.49 -18.68
CA LEU B 76 10.94 -21.11 -20.08
C LEU B 76 10.40 -19.68 -20.16
N THR B 77 11.02 -18.85 -20.98
CA THR B 77 10.45 -17.56 -21.32
C THR B 77 10.16 -17.50 -22.82
N THR B 78 9.01 -16.94 -23.19
CA THR B 78 8.71 -16.61 -24.58
C THR B 78 9.23 -15.21 -24.97
N SER B 79 9.72 -14.40 -24.03
CA SER B 79 10.10 -13.04 -24.37
C SER B 79 11.12 -13.07 -25.51
N GLU B 80 10.88 -12.28 -26.57
CA GLU B 80 11.56 -12.51 -27.84
C GLU B 80 12.92 -11.82 -27.85
N GLY B 81 13.05 -10.70 -27.12
CA GLY B 81 14.36 -10.11 -26.88
C GLY B 81 15.29 -10.93 -25.97
N ALA B 82 14.79 -11.87 -25.16
CA ALA B 82 15.65 -12.52 -24.16
C ALA B 82 16.80 -13.27 -24.83
N ASP B 83 17.97 -13.23 -24.21
CA ASP B 83 19.15 -13.86 -24.76
C ASP B 83 18.99 -15.39 -24.64
N GLU B 84 19.61 -16.15 -25.55
CA GLU B 84 19.38 -17.58 -25.59
C GLU B 84 20.36 -18.28 -24.63
N PRO B 85 19.99 -19.50 -24.14
CA PRO B 85 18.76 -20.16 -24.55
C PRO B 85 17.58 -19.55 -23.80
N GLN B 86 16.38 -19.84 -24.29
CA GLN B 86 15.18 -19.29 -23.69
C GLN B 86 14.57 -20.30 -22.74
N ARG B 87 15.16 -21.50 -22.71
CA ARG B 87 14.93 -22.43 -21.64
C ARG B 87 16.19 -22.63 -20.83
N LEU B 88 15.99 -22.92 -19.56
CA LEU B 88 17.08 -23.15 -18.65
C LEU B 88 16.63 -24.05 -17.51
N GLN B 89 17.49 -24.97 -17.06
CA GLN B 89 17.26 -25.65 -15.79
C GLN B 89 18.50 -25.58 -14.90
N PHE B 90 18.26 -25.62 -13.60
CA PHE B 90 19.34 -25.69 -12.65
C PHE B 90 18.82 -26.24 -11.34
N PRO B 91 19.68 -26.79 -10.47
CA PRO B 91 19.26 -27.22 -9.16
C PRO B 91 18.96 -26.03 -8.27
N LEU B 92 18.06 -26.22 -7.32
CA LEU B 92 17.90 -25.27 -6.22
C LEU B 92 19.24 -25.12 -5.49
N PRO B 93 19.50 -23.94 -4.93
CA PRO B 93 20.66 -23.76 -4.08
C PRO B 93 20.50 -24.65 -2.86
N THR B 94 21.63 -25.11 -2.34
CA THR B 94 21.64 -25.88 -1.12
C THR B 94 22.73 -25.34 -0.16
N ALA B 95 22.76 -25.93 1.04
CA ALA B 95 23.82 -25.75 2.02
C ALA B 95 25.18 -26.13 1.44
N GLN B 96 25.22 -27.08 0.49
CA GLN B 96 26.48 -27.51 -0.09
C GLN B 96 26.93 -26.54 -1.17
N ARG B 97 25.98 -25.85 -1.83
CA ARG B 97 26.29 -25.26 -3.11
C ARG B 97 25.30 -24.16 -3.45
N SER B 98 25.81 -22.94 -3.49
CA SER B 98 25.04 -21.80 -3.92
C SER B 98 25.00 -21.68 -5.44
N LEU B 99 23.98 -20.99 -5.96
CA LEU B 99 23.93 -20.67 -7.37
C LEU B 99 24.91 -19.54 -7.66
N GLU B 100 25.26 -19.37 -8.93
CA GLU B 100 26.17 -18.34 -9.38
C GLU B 100 25.58 -17.59 -10.57
N PRO B 101 26.01 -16.34 -10.82
CA PRO B 101 25.64 -15.62 -12.04
C PRO B 101 26.20 -16.39 -13.23
N GLY B 102 25.46 -16.40 -14.35
CA GLY B 102 25.93 -16.99 -15.59
C GLY B 102 25.18 -16.46 -16.83
N THR B 103 25.09 -17.29 -17.86
CA THR B 103 24.25 -17.01 -19.01
C THR B 103 23.14 -18.04 -19.04
N PRO B 104 21.95 -17.73 -19.58
CA PRO B 104 21.66 -16.44 -20.18
C PRO B 104 21.37 -15.39 -19.10
N ARG B 105 21.56 -14.12 -19.43
CA ARG B 105 21.46 -13.03 -18.46
C ARG B 105 20.06 -12.90 -17.90
N TRP B 106 19.03 -13.20 -18.71
CA TRP B 106 17.68 -13.03 -18.22
C TRP B 106 17.44 -13.91 -16.99
N ALA B 107 18.00 -15.13 -17.00
CA ALA B 107 17.77 -16.09 -15.94
C ALA B 107 18.50 -15.70 -14.64
N ASN B 108 19.51 -14.84 -14.72
CA ASN B 108 20.21 -14.40 -13.52
C ASN B 108 19.28 -13.69 -12.56
N TYR B 109 18.25 -12.98 -13.06
CA TYR B 109 17.31 -12.31 -12.18
C TYR B 109 16.52 -13.32 -11.35
N VAL B 110 16.12 -14.41 -12.00
CA VAL B 110 15.36 -15.46 -11.33
C VAL B 110 16.28 -16.24 -10.36
N LYS B 111 17.50 -16.58 -10.78
CA LYS B 111 18.43 -17.32 -9.91
C LYS B 111 18.70 -16.57 -8.59
N GLY B 112 18.99 -15.27 -8.72
CA GLY B 112 19.25 -14.38 -7.60
C GLY B 112 18.11 -14.36 -6.58
N VAL B 113 16.86 -14.23 -7.07
CA VAL B 113 15.73 -14.15 -6.16
C VAL B 113 15.57 -15.47 -5.40
N ILE B 114 15.73 -16.59 -6.11
CA ILE B 114 15.73 -17.87 -5.43
C ILE B 114 16.81 -17.92 -4.35
N GLN B 115 18.05 -17.52 -4.71
CA GLN B 115 19.19 -17.65 -3.83
C GLN B 115 18.93 -16.88 -2.52
N TYR B 116 18.34 -15.69 -2.62
CA TYR B 116 18.16 -14.86 -1.44
C TYR B 116 16.77 -14.97 -0.81
N TYR B 117 15.90 -15.83 -1.36
CA TYR B 117 14.56 -15.95 -0.84
C TYR B 117 14.68 -16.30 0.63
N PRO B 118 14.02 -15.59 1.56
CA PRO B 118 14.30 -15.80 2.99
C PRO B 118 13.54 -16.92 3.68
N ALA B 119 12.64 -17.64 3.02
CA ALA B 119 11.87 -18.65 3.76
C ALA B 119 12.21 -20.02 3.19
N ALA B 120 12.10 -21.05 4.04
CA ALA B 120 12.42 -22.42 3.69
C ALA B 120 11.36 -23.37 4.26
N PRO B 121 11.20 -24.61 3.73
CA PRO B 121 11.93 -25.10 2.57
C PRO B 121 11.16 -24.76 1.28
N LEU B 122 11.93 -24.33 0.29
CA LEU B 122 11.45 -24.02 -1.02
C LEU B 122 11.56 -25.27 -1.85
N PRO B 123 10.46 -25.72 -2.51
CA PRO B 123 10.57 -26.84 -3.43
C PRO B 123 11.10 -26.32 -4.76
N GLY B 124 11.52 -27.23 -5.63
CA GLY B 124 11.71 -26.93 -7.03
C GLY B 124 10.38 -26.57 -7.70
N PHE B 125 10.46 -26.10 -8.93
CA PHE B 125 9.28 -25.73 -9.66
C PHE B 125 9.57 -25.68 -11.16
N SER B 126 8.51 -25.79 -11.96
CA SER B 126 8.49 -25.50 -13.38
C SER B 126 7.76 -24.16 -13.57
N ALA B 127 8.21 -23.30 -14.49
CA ALA B 127 7.52 -22.06 -14.75
C ALA B 127 7.79 -21.57 -16.16
N VAL B 128 6.83 -20.77 -16.67
CA VAL B 128 7.01 -19.95 -17.87
C VAL B 128 6.83 -18.49 -17.46
N VAL B 129 7.75 -17.63 -17.92
CA VAL B 129 7.62 -16.19 -17.77
C VAL B 129 7.31 -15.54 -19.11
N VAL B 130 6.32 -14.62 -19.12
CA VAL B 130 6.07 -13.71 -20.24
C VAL B 130 6.08 -12.26 -19.74
N SER B 131 6.31 -11.33 -20.67
CA SER B 131 6.39 -9.94 -20.30
C SER B 131 5.95 -9.05 -21.46
N SER B 132 5.20 -8.00 -21.14
CA SER B 132 5.03 -6.89 -22.07
C SER B 132 6.00 -5.76 -21.75
N VAL B 133 6.88 -5.89 -20.75
CA VAL B 133 7.77 -4.76 -20.46
C VAL B 133 8.89 -4.80 -21.49
N PRO B 134 9.14 -3.71 -22.25
CA PRO B 134 10.21 -3.73 -23.27
C PRO B 134 11.55 -3.97 -22.59
N LEU B 135 12.34 -4.88 -23.17
CA LEU B 135 13.41 -5.54 -22.45
C LEU B 135 14.58 -4.58 -22.33
N GLY B 136 14.92 -4.21 -21.09
CA GLY B 136 15.97 -3.23 -20.86
C GLY B 136 15.77 -1.93 -21.66
N GLY B 137 14.52 -1.49 -21.88
CA GLY B 137 14.26 -0.18 -22.45
C GLY B 137 13.90 0.87 -21.39
N GLY B 138 14.22 0.58 -20.12
CA GLY B 138 14.28 1.57 -19.06
C GLY B 138 13.01 1.71 -18.21
N LEU B 139 12.10 0.72 -18.34
CA LEU B 139 10.86 0.66 -17.59
C LEU B 139 10.84 -0.52 -16.61
N SER B 140 12.05 -0.95 -16.23
CA SER B 140 12.25 -1.93 -15.17
C SER B 140 11.76 -3.34 -15.52
N SER B 141 12.14 -3.87 -16.68
CA SER B 141 11.84 -5.27 -17.00
C SER B 141 12.41 -6.22 -15.96
N SER B 142 13.69 -6.02 -15.64
CA SER B 142 14.33 -6.91 -14.67
C SER B 142 13.63 -6.85 -13.31
N ALA B 143 13.26 -5.66 -12.82
CA ALA B 143 12.60 -5.62 -11.53
C ALA B 143 11.25 -6.36 -11.58
N SER B 144 10.50 -6.19 -12.68
CA SER B 144 9.24 -6.89 -12.84
C SER B 144 9.44 -8.42 -12.81
N LEU B 145 10.56 -8.87 -13.42
CA LEU B 145 10.91 -10.28 -13.41
C LEU B 145 11.28 -10.76 -12.00
N GLU B 146 12.01 -9.94 -11.25
CA GLU B 146 12.42 -10.36 -9.92
C GLU B 146 11.19 -10.49 -9.02
N VAL B 147 10.36 -9.45 -9.04
CA VAL B 147 9.22 -9.35 -8.16
C VAL B 147 8.15 -10.41 -8.53
N ALA B 148 7.95 -10.69 -9.83
CA ALA B 148 7.16 -11.85 -10.27
C ALA B 148 7.72 -13.13 -9.66
N THR B 149 9.04 -13.32 -9.74
CA THR B 149 9.64 -14.52 -9.15
C THR B 149 9.38 -14.58 -7.65
N TYR B 150 9.68 -13.48 -6.95
CA TYR B 150 9.49 -13.42 -5.51
C TYR B 150 8.04 -13.78 -5.13
N THR B 151 7.09 -13.17 -5.83
CA THR B 151 5.67 -13.35 -5.55
C THR B 151 5.23 -14.81 -5.80
N PHE B 152 5.78 -15.44 -6.83
CA PHE B 152 5.58 -16.87 -7.03
C PHE B 152 6.16 -17.73 -5.91
N LEU B 153 7.37 -17.41 -5.45
CA LEU B 153 8.00 -18.21 -4.40
C LEU B 153 7.16 -18.15 -3.13
N GLN B 154 6.61 -16.98 -2.81
CA GLN B 154 5.69 -16.85 -1.69
C GLN B 154 4.51 -17.85 -1.75
N GLN B 155 4.01 -18.16 -2.95
CA GLN B 155 2.96 -19.18 -3.10
C GLN B 155 3.52 -20.55 -2.78
N LEU B 156 4.83 -20.80 -2.99
CA LEU B 156 5.36 -22.12 -2.72
C LEU B 156 5.70 -22.17 -1.24
N CYS B 157 6.07 -21.04 -0.66
CA CYS B 157 6.63 -21.10 0.68
C CYS B 157 6.52 -19.73 1.35
N PRO B 158 5.45 -19.47 2.14
CA PRO B 158 5.16 -18.11 2.61
C PRO B 158 6.33 -17.52 3.38
N ASP B 159 6.54 -16.22 3.18
CA ASP B 159 7.62 -15.47 3.81
C ASP B 159 7.06 -14.87 5.09
N SER B 160 7.85 -14.11 5.82
CA SER B 160 7.34 -13.61 7.09
C SER B 160 7.72 -12.16 7.36
N GLY B 161 8.24 -11.44 6.38
CA GLY B 161 8.60 -10.04 6.65
C GLY B 161 7.75 -9.01 5.90
N THR B 162 8.24 -7.78 5.87
CA THR B 162 7.53 -6.70 5.24
C THR B 162 7.77 -6.70 3.74
N ILE B 163 7.10 -5.75 3.09
CA ILE B 163 7.17 -5.55 1.67
C ILE B 163 8.49 -4.92 1.29
N ALA B 164 9.04 -4.05 2.17
CA ALA B 164 10.38 -3.51 1.95
C ALA B 164 11.41 -4.65 1.97
N ALA B 165 11.20 -5.66 2.80
CA ALA B 165 12.18 -6.73 2.84
C ALA B 165 12.19 -7.48 1.51
N ARG B 166 10.99 -7.71 0.94
CA ARG B 166 10.89 -8.38 -0.35
C ARG B 166 11.63 -7.58 -1.43
N ALA B 167 11.40 -6.26 -1.47
CA ALA B 167 12.08 -5.41 -2.42
C ALA B 167 13.61 -5.52 -2.25
N GLN B 168 14.05 -5.62 -0.99
CA GLN B 168 15.48 -5.68 -0.73
C GLN B 168 16.03 -7.03 -1.22
N VAL B 169 15.24 -8.11 -1.12
CA VAL B 169 15.71 -9.41 -1.61
C VAL B 169 15.97 -9.28 -3.11
N CYS B 170 15.03 -8.66 -3.81
CA CYS B 170 15.11 -8.55 -5.25
C CYS B 170 16.30 -7.66 -5.67
N GLN B 171 16.49 -6.58 -4.92
CA GLN B 171 17.65 -5.72 -5.09
C GLN B 171 18.95 -6.51 -4.91
N GLN B 172 18.99 -7.37 -3.88
CA GLN B 172 20.18 -8.17 -3.64
C GLN B 172 20.50 -9.07 -4.83
N ALA B 173 19.46 -9.69 -5.43
CA ALA B 173 19.60 -10.51 -6.61
C ALA B 173 20.23 -9.69 -7.74
N GLU B 174 19.73 -8.48 -7.88
CA GLU B 174 20.27 -7.62 -8.90
C GLU B 174 21.76 -7.33 -8.67
N HIS B 175 22.12 -7.05 -7.41
CA HIS B 175 23.50 -6.70 -7.13
C HIS B 175 24.44 -7.89 -7.38
N SER B 176 24.09 -9.08 -6.86
CA SER B 176 25.03 -10.20 -6.83
C SER B 176 24.97 -11.03 -8.11
N PHE B 177 23.83 -11.04 -8.80
CA PHE B 177 23.65 -11.93 -9.95
C PHE B 177 23.63 -11.20 -11.29
N ALA B 178 23.40 -9.87 -11.30
CA ALA B 178 23.49 -9.12 -12.55
C ALA B 178 24.64 -8.11 -12.51
N GLY B 179 25.38 -8.04 -11.40
CA GLY B 179 26.44 -7.05 -11.30
C GLY B 179 25.91 -5.61 -11.40
N MET B 180 24.69 -5.35 -10.97
CA MET B 180 24.07 -4.03 -11.16
C MET B 180 23.66 -3.48 -9.79
N PRO B 181 24.41 -2.48 -9.25
CA PRO B 181 24.20 -1.97 -7.89
C PRO B 181 23.08 -0.93 -7.75
N CYS B 182 21.86 -1.37 -8.07
CA CYS B 182 20.70 -0.51 -8.20
C CYS B 182 20.24 -0.05 -6.81
N GLY B 183 19.54 1.09 -6.74
CA GLY B 183 18.78 1.40 -5.55
C GLY B 183 17.52 0.54 -5.49
N ILE B 184 16.62 0.91 -4.58
CA ILE B 184 15.43 0.14 -4.25
C ILE B 184 14.20 0.53 -5.07
N MET B 185 14.26 1.58 -5.91
CA MET B 185 13.02 2.16 -6.43
C MET B 185 12.22 1.13 -7.22
N ASP B 186 12.86 0.44 -8.17
CA ASP B 186 12.13 -0.27 -9.23
C ASP B 186 11.39 -1.47 -8.64
N GLN B 187 12.07 -2.13 -7.70
CA GLN B 187 11.51 -3.25 -6.99
C GLN B 187 10.35 -2.76 -6.13
N PHE B 188 10.61 -1.66 -5.41
CA PHE B 188 9.64 -1.22 -4.42
C PHE B 188 8.34 -0.80 -5.12
N ILE B 189 8.46 -0.12 -6.28
CA ILE B 189 7.24 0.32 -6.94
C ILE B 189 6.50 -0.87 -7.55
N SER B 190 7.25 -1.84 -8.09
CA SER B 190 6.67 -3.07 -8.62
C SER B 190 5.80 -3.74 -7.56
N LEU B 191 6.30 -3.77 -6.31
CA LEU B 191 5.52 -4.32 -5.22
C LEU B 191 4.35 -3.45 -4.74
N MET B 192 4.54 -2.13 -4.63
CA MET B 192 3.69 -1.26 -3.82
C MET B 192 2.71 -0.44 -4.67
N GLY B 193 2.81 -0.51 -5.99
CA GLY B 193 1.95 0.31 -6.83
C GLY B 193 0.46 0.12 -6.53
N GLN B 194 -0.30 1.24 -6.52
CA GLN B 194 -1.76 1.24 -6.49
C GLN B 194 -2.26 1.94 -7.75
N LYS B 195 -3.29 1.38 -8.39
CA LYS B 195 -3.85 2.02 -9.57
C LYS B 195 -4.42 3.39 -9.18
N GLY B 196 -4.20 4.38 -10.04
CA GLY B 196 -4.66 5.75 -9.82
C GLY B 196 -3.78 6.51 -8.81
N HIS B 197 -2.53 6.13 -8.66
CA HIS B 197 -1.69 6.71 -7.63
C HIS B 197 -0.23 6.59 -8.05
N ALA B 198 0.53 7.65 -7.81
CA ALA B 198 1.97 7.52 -7.85
C ALA B 198 2.42 7.30 -6.41
N LEU B 199 3.72 6.99 -6.24
CA LEU B 199 4.23 6.68 -4.93
C LEU B 199 5.44 7.56 -4.67
N LEU B 200 5.33 8.43 -3.67
CA LEU B 200 6.48 9.11 -3.12
C LEU B 200 7.17 8.15 -2.14
N ILE B 201 8.35 7.70 -2.52
CA ILE B 201 9.10 6.74 -1.74
C ILE B 201 10.28 7.46 -1.13
N ASP B 202 10.32 7.46 0.21
CA ASP B 202 11.49 7.92 0.95
C ASP B 202 12.46 6.75 1.07
N CYS B 203 13.58 6.80 0.33
CA CYS B 203 14.52 5.69 0.28
C CYS B 203 15.45 5.67 1.49
N ARG B 204 15.37 6.68 2.38
CA ARG B 204 16.03 6.63 3.66
C ARG B 204 15.14 5.91 4.68
N SER B 205 13.91 6.40 4.93
CA SER B 205 13.00 5.82 5.92
C SER B 205 12.24 4.59 5.42
N LEU B 206 12.06 4.51 4.11
CA LEU B 206 11.20 3.54 3.44
C LEU B 206 9.72 3.78 3.73
N GLU B 207 9.41 5.02 4.13
CA GLU B 207 8.04 5.52 4.19
C GLU B 207 7.57 5.75 2.75
N THR B 208 6.29 5.42 2.46
CA THR B 208 5.75 5.65 1.13
C THR B 208 4.44 6.43 1.27
N SER B 209 4.20 7.36 0.33
CA SER B 209 2.87 7.92 0.27
C SER B 209 2.28 7.92 -1.14
N LEU B 210 1.00 7.56 -1.15
CA LEU B 210 0.18 7.59 -2.34
C LEU B 210 -0.25 9.01 -2.64
N VAL B 211 0.07 9.43 -3.85
CA VAL B 211 -0.37 10.68 -4.43
C VAL B 211 -1.33 10.39 -5.59
N PRO B 212 -2.65 10.72 -5.50
CA PRO B 212 -3.58 10.62 -6.65
C PRO B 212 -3.10 11.07 -8.04
N LEU B 213 -3.49 10.30 -9.09
CA LEU B 213 -3.59 10.75 -10.48
C LEU B 213 -4.93 10.35 -11.12
N SER B 214 -6.01 10.95 -10.63
CA SER B 214 -7.36 10.60 -11.05
C SER B 214 -7.96 11.72 -11.92
N ASP B 215 -7.11 12.45 -12.66
CA ASP B 215 -7.60 13.49 -13.53
C ASP B 215 -7.66 12.95 -14.95
N PRO B 216 -8.86 12.86 -15.56
CA PRO B 216 -9.00 12.38 -16.95
C PRO B 216 -8.51 13.44 -17.94
N LYS B 217 -8.30 14.68 -17.47
CA LYS B 217 -7.68 15.71 -18.30
C LYS B 217 -6.16 15.62 -18.30
N LEU B 218 -5.55 14.77 -17.46
CA LEU B 218 -4.10 14.60 -17.40
C LEU B 218 -3.70 13.26 -18.03
N ALA B 219 -2.67 13.32 -18.88
CA ALA B 219 -2.11 12.10 -19.45
C ALA B 219 -0.62 12.00 -19.10
N VAL B 220 -0.13 10.77 -18.94
CA VAL B 220 1.29 10.51 -18.89
C VAL B 220 1.67 9.74 -20.15
N LEU B 221 2.56 10.34 -20.95
CA LEU B 221 3.03 9.75 -22.20
C LEU B 221 4.48 9.30 -22.03
N ILE B 222 4.70 8.02 -22.33
CA ILE B 222 6.01 7.37 -22.30
C ILE B 222 6.45 7.13 -23.73
N THR B 223 7.59 7.75 -24.08
CA THR B 223 8.16 7.65 -25.41
C THR B 223 9.44 6.83 -25.32
N ASN B 224 9.45 5.68 -25.98
CA ASN B 224 10.65 4.86 -26.01
C ASN B 224 11.50 5.24 -27.21
N SER B 225 12.75 5.62 -26.92
CA SER B 225 13.70 6.04 -27.92
C SER B 225 14.11 4.88 -28.83
N ASN B 226 13.91 3.65 -28.35
CA ASN B 226 14.27 2.41 -29.03
C ASN B 226 15.78 2.33 -29.26
N VAL B 227 16.51 2.88 -28.31
CA VAL B 227 17.96 2.90 -28.29
C VAL B 227 18.37 2.38 -26.92
N ARG B 228 19.49 1.63 -26.87
CA ARG B 228 20.14 1.29 -25.62
C ARG B 228 21.65 1.30 -25.82
N HIS B 229 22.26 2.49 -25.69
CA HIS B 229 23.71 2.69 -25.72
C HIS B 229 24.34 1.79 -24.64
N SER B 230 25.69 1.72 -24.64
CA SER B 230 26.42 0.60 -24.04
C SER B 230 26.65 0.70 -22.52
N LEU B 231 25.99 1.63 -21.80
CA LEU B 231 26.56 2.10 -20.55
C LEU B 231 25.65 1.89 -19.31
N ALA B 232 24.93 0.75 -19.21
CA ALA B 232 24.20 0.42 -17.98
C ALA B 232 25.02 -0.60 -17.18
N SER B 233 25.33 -1.71 -17.83
CA SER B 233 26.60 -2.41 -17.62
C SER B 233 27.59 -1.42 -17.02
N SER B 234 27.97 -0.42 -17.83
CA SER B 234 29.16 0.39 -17.65
C SER B 234 28.96 1.52 -16.63
N GLU B 235 28.30 2.63 -16.96
CA GLU B 235 28.48 3.88 -16.21
C GLU B 235 27.64 4.00 -14.92
N TYR B 236 26.58 3.24 -14.76
CA TYR B 236 25.75 3.43 -13.59
C TYR B 236 26.58 3.23 -12.30
N PRO B 237 27.29 2.08 -12.10
CA PRO B 237 28.09 1.88 -10.88
C PRO B 237 29.16 2.93 -10.67
N VAL B 238 29.64 3.55 -11.74
CA VAL B 238 30.58 4.64 -11.63
C VAL B 238 29.93 5.88 -10.96
N ARG B 239 28.70 6.23 -11.35
CA ARG B 239 28.04 7.38 -10.74
C ARG B 239 27.75 7.09 -9.27
N ARG B 240 27.31 5.88 -8.97
CA ARG B 240 27.05 5.54 -7.58
C ARG B 240 28.31 5.71 -6.72
N ARG B 241 29.43 5.13 -7.16
CA ARG B 241 30.65 5.18 -6.37
C ARG B 241 31.10 6.62 -6.17
N GLN B 242 30.92 7.44 -7.18
CA GLN B 242 31.34 8.83 -7.14
C GLN B 242 30.49 9.59 -6.10
N CYS B 243 29.17 9.34 -6.08
CA CYS B 243 28.27 9.89 -5.07
C CYS B 243 28.70 9.48 -3.66
N GLU B 244 28.96 8.18 -3.46
CA GLU B 244 29.33 7.64 -2.16
C GLU B 244 30.63 8.31 -1.70
N GLU B 245 31.50 8.65 -2.66
CA GLU B 245 32.78 9.21 -2.33
C GLU B 245 32.61 10.65 -1.90
N VAL B 246 31.70 11.41 -2.52
CA VAL B 246 31.45 12.77 -2.07
C VAL B 246 30.83 12.73 -0.67
N ALA B 247 29.84 11.84 -0.43
CA ALA B 247 29.30 11.69 0.91
C ALA B 247 30.42 11.41 1.93
N ARG B 248 31.27 10.39 1.68
CA ARG B 248 32.39 10.05 2.55
C ARG B 248 33.24 11.28 2.82
N ALA B 249 33.53 12.09 1.79
CA ALA B 249 34.44 13.22 1.93
C ALA B 249 33.85 14.33 2.79
N LEU B 250 32.52 14.52 2.78
CA LEU B 250 31.86 15.52 3.61
C LEU B 250 31.51 14.96 4.99
N GLY B 251 31.82 13.71 5.29
CA GLY B 251 31.50 13.16 6.61
C GLY B 251 29.99 12.90 6.73
N ALA B 252 29.33 12.60 5.61
CA ALA B 252 27.90 12.37 5.57
C ALA B 252 27.61 10.90 5.31
N ALA B 253 26.57 10.37 5.96
CA ALA B 253 26.18 8.99 5.79
C ALA B 253 25.70 8.75 4.35
N SER B 254 25.09 9.78 3.75
CA SER B 254 24.66 9.73 2.38
C SER B 254 24.45 11.15 1.88
N LEU B 255 24.24 11.34 0.57
CA LEU B 255 23.96 12.68 0.07
C LEU B 255 22.58 13.20 0.54
N ARG B 256 21.69 12.31 1.04
CA ARG B 256 20.41 12.75 1.53
C ARG B 256 20.66 13.79 2.62
N GLU B 257 21.76 13.59 3.35
CA GLU B 257 22.11 14.38 4.51
C GLU B 257 22.81 15.68 4.10
N VAL B 258 22.98 15.96 2.81
CA VAL B 258 23.80 17.09 2.38
C VAL B 258 22.91 18.07 1.63
N GLN B 259 23.07 19.36 1.88
CA GLN B 259 22.41 20.30 0.99
C GLN B 259 23.41 21.23 0.32
N LEU B 260 22.87 21.99 -0.65
CA LEU B 260 23.64 22.55 -1.75
C LEU B 260 24.60 23.59 -1.20
N GLU B 261 24.26 24.21 -0.07
CA GLU B 261 25.12 25.25 0.50
C GLU B 261 26.40 24.59 1.05
N GLU B 262 26.21 23.46 1.74
CA GLU B 262 27.30 22.76 2.39
C GLU B 262 28.23 22.14 1.34
N LEU B 263 27.63 21.58 0.29
CA LEU B 263 28.33 21.06 -0.88
C LEU B 263 29.23 22.13 -1.50
N GLU B 264 28.65 23.30 -1.78
CA GLU B 264 29.38 24.41 -2.36
C GLU B 264 30.52 24.86 -1.46
N ALA B 265 30.36 24.75 -0.13
CA ALA B 265 31.41 25.18 0.79
C ALA B 265 32.54 24.16 0.85
N ALA B 266 32.27 22.92 0.44
CA ALA B 266 33.25 21.86 0.40
C ALA B 266 33.74 21.58 -1.02
N ARG B 267 33.61 22.53 -1.95
CA ARG B 267 34.05 22.29 -3.32
C ARG B 267 35.47 21.74 -3.35
N ASP B 268 36.34 22.26 -2.48
CA ASP B 268 37.76 21.92 -2.48
C ASP B 268 38.03 20.50 -1.98
N LEU B 269 37.03 19.82 -1.44
CA LEU B 269 37.28 18.53 -0.81
C LEU B 269 36.98 17.41 -1.80
N VAL B 270 36.37 17.73 -2.94
CA VAL B 270 35.91 16.73 -3.89
C VAL B 270 36.39 17.13 -5.29
N SER B 271 36.46 16.16 -6.22
CA SER B 271 36.74 16.43 -7.63
C SER B 271 35.70 17.38 -8.21
N LYS B 272 36.05 18.05 -9.32
CA LYS B 272 35.12 18.90 -10.05
C LYS B 272 33.92 18.05 -10.49
N GLU B 273 34.19 16.87 -11.04
CA GLU B 273 33.15 15.99 -11.53
C GLU B 273 32.31 15.44 -10.37
N GLY B 274 32.91 15.07 -9.23
CA GLY B 274 32.12 14.64 -8.07
C GLY B 274 31.16 15.74 -7.56
N PHE B 275 31.60 17.00 -7.66
CA PHE B 275 30.79 18.13 -7.22
C PHE B 275 29.50 18.17 -8.04
N ARG B 276 29.64 18.08 -9.37
CA ARG B 276 28.56 18.18 -10.33
C ARG B 276 27.53 17.05 -10.12
N ARG B 277 28.03 15.85 -9.83
CA ARG B 277 27.18 14.70 -9.60
C ARG B 277 26.36 14.94 -8.33
N ALA B 278 27.05 15.40 -7.28
CA ALA B 278 26.39 15.61 -6.00
C ALA B 278 25.38 16.74 -6.14
N ARG B 279 25.72 17.75 -6.95
CA ARG B 279 24.84 18.89 -7.10
C ARG B 279 23.53 18.40 -7.70
N HIS B 280 23.61 17.55 -8.73
CA HIS B 280 22.42 16.95 -9.31
C HIS B 280 21.56 16.32 -8.22
N VAL B 281 22.15 15.45 -7.38
CA VAL B 281 21.43 14.59 -6.47
C VAL B 281 20.68 15.42 -5.41
N VAL B 282 21.41 16.38 -4.85
CA VAL B 282 20.89 17.22 -3.78
C VAL B 282 19.70 18.05 -4.31
N GLY B 283 19.87 18.58 -5.53
CA GLY B 283 18.82 19.33 -6.21
C GLY B 283 17.63 18.44 -6.58
N GLU B 284 17.91 17.18 -6.95
CA GLU B 284 16.91 16.27 -7.44
C GLU B 284 16.03 15.84 -6.28
N ILE B 285 16.63 15.66 -5.10
CA ILE B 285 15.87 15.30 -3.92
C ILE B 285 14.84 16.39 -3.62
N ARG B 286 15.28 17.63 -3.74
CA ARG B 286 14.42 18.76 -3.42
C ARG B 286 13.31 18.92 -4.44
N ARG B 287 13.65 18.94 -5.72
CA ARG B 287 12.69 18.90 -6.81
C ARG B 287 11.63 17.80 -6.59
N THR B 288 12.02 16.59 -6.15
CA THR B 288 11.05 15.52 -6.04
C THR B 288 10.03 15.81 -4.94
N ALA B 289 10.52 16.29 -3.79
CA ALA B 289 9.66 16.68 -2.68
C ALA B 289 8.69 17.79 -3.12
N GLN B 290 9.19 18.75 -3.89
CA GLN B 290 8.36 19.87 -4.36
C GLN B 290 7.42 19.37 -5.46
N ALA B 291 7.88 18.45 -6.30
CA ALA B 291 7.01 17.93 -7.35
C ALA B 291 5.83 17.17 -6.72
N ALA B 292 6.13 16.39 -5.69
CA ALA B 292 5.07 15.64 -5.04
C ALA B 292 4.03 16.62 -4.50
N ALA B 293 4.46 17.67 -3.83
CA ALA B 293 3.52 18.66 -3.32
C ALA B 293 2.72 19.29 -4.46
N ALA B 294 3.40 19.56 -5.59
CA ALA B 294 2.75 20.19 -6.74
C ALA B 294 1.69 19.24 -7.29
N LEU B 295 2.08 17.99 -7.50
CA LEU B 295 1.16 16.98 -7.98
C LEU B 295 -0.08 16.94 -7.10
N ARG B 296 0.10 17.00 -5.77
CA ARG B 296 -1.00 16.90 -4.84
C ARG B 296 -2.01 18.02 -5.14
N ARG B 297 -1.58 19.28 -5.25
CA ARG B 297 -2.51 20.37 -5.49
C ARG B 297 -2.84 20.52 -6.98
N GLY B 298 -2.61 19.46 -7.79
CA GLY B 298 -2.92 19.46 -9.21
C GLY B 298 -2.35 20.65 -9.98
N ASP B 299 -1.25 21.22 -9.46
CA ASP B 299 -0.43 22.19 -10.17
C ASP B 299 0.55 21.48 -11.11
N TYR B 300 0.04 21.15 -12.30
CA TYR B 300 0.79 20.42 -13.29
C TYR B 300 1.89 21.27 -13.88
N ARG B 301 1.68 22.59 -13.86
CA ARG B 301 2.61 23.46 -14.54
C ARG B 301 3.89 23.52 -13.74
N ALA B 302 3.76 23.67 -12.42
CA ALA B 302 4.91 23.63 -11.54
C ALA B 302 5.58 22.25 -11.66
N PHE B 303 4.78 21.17 -11.66
CA PHE B 303 5.30 19.82 -11.77
C PHE B 303 6.12 19.66 -13.04
N GLY B 304 5.57 20.08 -14.17
CA GLY B 304 6.28 19.99 -15.44
C GLY B 304 7.58 20.82 -15.50
N ARG B 305 7.57 22.02 -14.88
CA ARG B 305 8.78 22.81 -14.75
C ARG B 305 9.85 22.01 -14.00
N LEU B 306 9.47 21.38 -12.87
CA LEU B 306 10.43 20.66 -12.07
C LEU B 306 10.95 19.46 -12.86
N MET B 307 10.10 18.85 -13.70
CA MET B 307 10.53 17.75 -14.57
C MET B 307 11.67 18.23 -15.50
N VAL B 308 11.47 19.39 -16.12
CA VAL B 308 12.42 19.89 -17.09
C VAL B 308 13.77 20.20 -16.42
N GLU B 309 13.72 20.77 -15.19
CA GLU B 309 14.94 21.07 -14.45
C GLU B 309 15.67 19.77 -14.10
N SER B 310 14.89 18.70 -13.87
CA SER B 310 15.41 17.38 -13.61
C SER B 310 16.20 16.93 -14.83
N HIS B 311 15.64 17.14 -16.01
CA HIS B 311 16.25 16.64 -17.23
C HIS B 311 17.58 17.36 -17.50
N ARG B 312 17.58 18.67 -17.30
CA ARG B 312 18.77 19.47 -17.54
C ARG B 312 19.89 19.07 -16.59
N SER B 313 19.52 18.85 -15.32
CA SER B 313 20.48 18.43 -14.33
C SER B 313 21.03 17.06 -14.68
N LEU B 314 20.18 16.14 -15.13
CA LEU B 314 20.66 14.82 -15.53
C LEU B 314 21.57 14.89 -16.74
N ARG B 315 21.24 15.74 -17.68
CA ARG B 315 21.98 15.85 -18.94
C ARG B 315 23.36 16.45 -18.71
N ASP B 316 23.41 17.52 -17.91
CA ASP B 316 24.59 18.39 -17.76
C ASP B 316 25.44 18.01 -16.55
N ASP B 317 24.85 17.92 -15.35
CA ASP B 317 25.60 17.65 -14.13
C ASP B 317 25.85 16.15 -13.97
N TYR B 318 24.84 15.30 -14.21
CA TYR B 318 24.97 13.87 -13.97
C TYR B 318 25.48 13.12 -15.21
N GLU B 319 25.30 13.77 -16.36
CA GLU B 319 25.72 13.18 -17.62
C GLU B 319 25.27 11.73 -17.77
N VAL B 320 23.94 11.53 -17.74
CA VAL B 320 23.37 10.22 -18.05
C VAL B 320 22.25 10.29 -19.08
N SER B 321 22.08 11.45 -19.75
CA SER B 321 21.23 11.55 -20.93
C SER B 321 21.97 11.05 -22.17
N CYS B 322 21.47 11.41 -23.36
CA CYS B 322 22.12 11.12 -24.64
C CYS B 322 21.40 11.92 -25.72
N PRO B 323 21.99 12.08 -26.94
CA PRO B 323 21.40 12.95 -27.94
C PRO B 323 19.92 12.65 -28.21
N GLU B 324 19.55 11.37 -28.13
CA GLU B 324 18.22 10.90 -28.50
C GLU B 324 17.20 11.31 -27.44
N LEU B 325 17.49 11.00 -26.18
CA LEU B 325 16.63 11.41 -25.08
C LEU B 325 16.44 12.93 -25.12
N ASP B 326 17.52 13.68 -25.32
CA ASP B 326 17.47 15.14 -25.31
C ASP B 326 16.57 15.66 -26.43
N GLN B 327 16.69 15.06 -27.62
CA GLN B 327 15.91 15.48 -28.78
C GLN B 327 14.43 15.20 -28.51
N LEU B 328 14.13 14.01 -27.98
CA LEU B 328 12.76 13.64 -27.65
C LEU B 328 12.20 14.64 -26.65
N VAL B 329 13.01 15.03 -25.66
CA VAL B 329 12.55 15.94 -24.65
C VAL B 329 12.20 17.29 -25.28
N GLU B 330 13.08 17.80 -26.15
CA GLU B 330 12.87 19.10 -26.77
C GLU B 330 11.64 19.03 -27.68
N ALA B 331 11.58 17.98 -28.51
CA ALA B 331 10.46 17.79 -29.43
C ALA B 331 9.14 17.92 -28.65
N ALA B 332 9.07 17.26 -27.49
CA ALA B 332 7.84 17.25 -26.69
C ALA B 332 7.57 18.61 -26.06
N LEU B 333 8.62 19.33 -25.64
CA LEU B 333 8.42 20.60 -24.97
C LEU B 333 7.82 21.63 -25.92
N ALA B 334 8.00 21.44 -27.24
CA ALA B 334 7.48 22.32 -28.26
C ALA B 334 5.95 22.30 -28.32
N VAL B 335 5.34 21.21 -27.87
CA VAL B 335 3.95 20.92 -28.16
C VAL B 335 3.06 21.66 -27.17
N PRO B 336 2.11 22.51 -27.62
CA PRO B 336 1.17 23.16 -26.71
C PRO B 336 0.42 22.07 -25.96
N GLY B 337 0.23 22.25 -24.64
CA GLY B 337 -0.47 21.27 -23.81
C GLY B 337 0.47 20.33 -23.05
N VAL B 338 1.76 20.37 -23.41
CA VAL B 338 2.78 19.61 -22.69
C VAL B 338 3.24 20.44 -21.51
N TYR B 339 3.11 19.91 -20.30
CA TYR B 339 3.62 20.58 -19.10
C TYR B 339 5.11 20.38 -18.90
N GLY B 340 5.61 19.18 -19.22
CA GLY B 340 7.02 18.88 -19.02
C GLY B 340 7.41 17.56 -19.65
N SER B 341 8.72 17.35 -19.78
CA SER B 341 9.29 16.13 -20.31
C SER B 341 10.72 15.94 -19.76
N ARG B 342 11.14 14.68 -19.58
CA ARG B 342 12.47 14.33 -19.12
C ARG B 342 12.77 12.86 -19.41
N MET B 343 14.06 12.50 -19.42
CA MET B 343 14.42 11.10 -19.44
C MET B 343 13.96 10.50 -18.12
N THR B 344 13.65 9.20 -18.16
CA THR B 344 13.26 8.47 -16.97
C THR B 344 14.16 7.24 -16.87
N GLY B 345 14.28 6.72 -15.65
CA GLY B 345 15.13 5.57 -15.39
C GLY B 345 16.62 5.91 -15.46
N GLY B 346 17.43 4.87 -15.76
CA GLY B 346 18.89 4.89 -15.71
C GLY B 346 19.57 5.82 -16.69
N GLY B 347 19.05 5.89 -17.91
CA GLY B 347 19.57 6.82 -18.90
C GLY B 347 20.37 6.12 -19.99
N PHE B 348 21.08 6.89 -20.81
CA PHE B 348 21.87 6.39 -21.92
C PHE B 348 20.97 5.77 -23.00
N GLY B 349 19.66 5.96 -22.88
CA GLY B 349 18.69 5.29 -23.73
C GLY B 349 17.37 5.15 -22.99
N GLY B 350 16.54 4.22 -23.45
CA GLY B 350 15.26 3.99 -22.81
C GLY B 350 14.25 5.08 -23.19
N CYS B 351 13.45 5.50 -22.21
CA CYS B 351 12.28 6.31 -22.47
C CYS B 351 12.39 7.68 -21.81
N THR B 352 11.64 8.64 -22.37
CA THR B 352 11.23 9.85 -21.70
C THR B 352 9.84 9.67 -21.12
N VAL B 353 9.54 10.48 -20.10
CA VAL B 353 8.20 10.64 -19.59
C VAL B 353 7.78 12.09 -19.81
N THR B 354 6.54 12.25 -20.28
CA THR B 354 5.97 13.56 -20.56
C THR B 354 4.63 13.63 -19.86
N LEU B 355 4.37 14.73 -19.19
CA LEU B 355 3.07 15.02 -18.61
C LEU B 355 2.37 16.04 -19.50
N LEU B 356 1.10 15.80 -19.82
CA LEU B 356 0.36 16.68 -20.70
C LEU B 356 -1.15 16.58 -20.51
N GLU B 357 -1.84 17.58 -21.07
CA GLU B 357 -3.26 17.50 -21.33
C GLU B 357 -3.55 16.29 -22.22
N ALA B 358 -4.53 15.50 -21.80
CA ALA B 358 -4.96 14.31 -22.52
C ALA B 358 -5.22 14.62 -24.01
N SER B 359 -5.86 15.74 -24.32
CA SER B 359 -6.30 16.01 -25.69
C SER B 359 -5.13 16.35 -26.63
N ALA B 360 -3.99 16.70 -26.02
CA ALA B 360 -2.80 17.00 -26.79
C ALA B 360 -2.04 15.73 -27.15
N ALA B 361 -2.40 14.60 -26.52
CA ALA B 361 -1.63 13.36 -26.64
C ALA B 361 -1.50 12.92 -28.10
N PRO B 362 -2.58 12.92 -28.92
CA PRO B 362 -2.46 12.63 -30.35
C PRO B 362 -1.48 13.53 -31.13
N HIS B 363 -1.50 14.85 -30.87
CA HIS B 363 -0.58 15.79 -31.52
C HIS B 363 0.84 15.58 -30.99
N ALA B 364 0.97 15.47 -29.66
CA ALA B 364 2.25 15.19 -29.02
C ALA B 364 2.95 14.05 -29.76
N MET B 365 2.25 12.91 -29.91
CA MET B 365 2.84 11.72 -30.50
C MET B 365 3.20 11.96 -31.97
N ARG B 366 2.30 12.56 -32.76
CA ARG B 366 2.58 12.94 -34.15
C ARG B 366 3.90 13.72 -34.25
N HIS B 367 3.99 14.84 -33.51
CA HIS B 367 5.10 15.79 -33.54
C HIS B 367 6.42 15.23 -33.01
N ILE B 368 6.39 14.48 -31.90
CA ILE B 368 7.60 13.85 -31.39
C ILE B 368 8.17 12.94 -32.47
N GLN B 369 7.33 12.03 -32.99
CA GLN B 369 7.76 11.10 -34.01
C GLN B 369 8.36 11.86 -35.18
N GLU B 370 7.71 12.98 -35.56
CA GLU B 370 8.17 13.83 -36.64
C GLU B 370 9.59 14.30 -36.37
N HIS B 371 9.83 14.82 -35.14
CA HIS B 371 11.03 15.58 -34.85
C HIS B 371 12.14 14.69 -34.24
N TYR B 372 12.00 13.36 -34.38
CA TYR B 372 12.98 12.39 -33.91
C TYR B 372 13.57 11.63 -35.09
N GLY B 373 14.90 11.47 -35.10
CA GLY B 373 15.58 10.77 -36.18
C GLY B 373 15.19 9.29 -36.23
N GLY B 374 15.46 8.57 -35.15
CA GLY B 374 15.08 7.17 -35.01
C GLY B 374 13.56 6.99 -34.91
N THR B 375 13.12 5.80 -34.47
CA THR B 375 11.70 5.50 -34.46
C THR B 375 11.26 5.28 -33.02
N ALA B 376 10.48 6.22 -32.50
CA ALA B 376 9.91 6.14 -31.17
C ALA B 376 8.78 5.12 -31.15
N THR B 377 8.49 4.56 -29.97
CA THR B 377 7.18 3.97 -29.72
C THR B 377 6.60 4.66 -28.50
N PHE B 378 5.29 4.49 -28.32
CA PHE B 378 4.55 5.30 -27.36
C PHE B 378 3.71 4.39 -26.48
N TYR B 379 3.62 4.78 -25.20
CA TYR B 379 2.64 4.24 -24.29
C TYR B 379 1.86 5.40 -23.68
N LEU B 380 0.53 5.28 -23.76
CA LEU B 380 -0.33 6.15 -23.00
C LEU B 380 -0.64 5.39 -21.72
N SER B 381 -0.17 5.92 -20.58
CA SER B 381 0.06 5.09 -19.42
C SER B 381 -0.75 5.57 -18.23
N GLN B 382 -1.62 4.71 -17.71
CA GLN B 382 -2.32 4.94 -16.47
C GLN B 382 -1.54 4.29 -15.33
N ALA B 383 -1.57 4.93 -14.15
CA ALA B 383 -0.91 4.40 -12.98
C ALA B 383 -1.64 3.14 -12.50
N ALA B 384 -0.88 2.05 -12.25
CA ALA B 384 -1.44 0.72 -12.08
C ALA B 384 -1.10 0.11 -10.71
N ASP B 385 -1.81 -1.00 -10.43
CA ASP B 385 -1.56 -1.83 -9.28
C ASP B 385 -0.15 -2.40 -9.37
N GLY B 386 0.33 -2.84 -8.20
CA GLY B 386 1.57 -3.56 -8.09
C GLY B 386 1.31 -5.06 -8.09
N ALA B 387 2.31 -5.84 -7.64
CA ALA B 387 2.34 -7.28 -7.81
C ALA B 387 1.07 -7.92 -7.22
N LYS B 388 0.62 -9.03 -7.82
CA LYS B 388 -0.43 -9.83 -7.19
C LYS B 388 -0.44 -11.27 -7.68
N VAL B 389 -1.07 -12.10 -6.84
CA VAL B 389 -1.41 -13.48 -7.16
C VAL B 389 -2.61 -13.45 -8.11
N LEU B 390 -2.54 -14.31 -9.14
CA LEU B 390 -3.68 -14.67 -9.98
C LEU B 390 -4.09 -16.09 -9.64
N CYS B 391 -5.29 -16.24 -9.06
CA CYS B 391 -5.84 -17.53 -8.69
C CYS B 391 -6.23 -18.28 -9.95
N LEU B 392 -5.67 -19.47 -10.13
CA LEU B 392 -6.06 -20.33 -11.24
C LEU B 392 -7.05 -21.36 -10.72
#